data_8TGJ
#
_entry.id   8TGJ
#
_cell.length_a   1.00
_cell.length_b   1.00
_cell.length_c   1.00
_cell.angle_alpha   90.00
_cell.angle_beta   90.00
_cell.angle_gamma   90.00
#
_symmetry.space_group_name_H-M   'P 1'
#
loop_
_entity.id
_entity.type
_entity.pdbx_description
1 polymer 'VMAT1 dimer in unbound form and with reserpine'
2 non-polymer reserpine
#
_entity_poly.entity_id   1
_entity_poly.type   'polypeptide(L)'
_entity_poly.pdbx_seq_one_letter_code
;MLRTILDAPQRLLKEGRASRQLVLVVVFVALLLDNMLFTVVVPIVPTFLYDMEFKEVNSSLHLGHAGSNCLQGTGFLEEE
ITRVGVLFASKAVMQLLVNPFVGPLTNRIGYHIPMFAGFVIMFLSTVMFAFSGTYTLLFVARTLQGIGSSFSSVAGLGML
ASVYTDDHERGRAMGTALGGLALGLLVGAPFGSVMYEFVGKSAPFLILAFLALLDGALQLCILQPSKVSPESAKGTPLFM
LLKDPYILVAAGSICFANMGVAILEPTLPIWMMQTMCSPKWQLGLAFLPASVSYLIGTNLFGVLANKMGRWLCSLIGMLV
VGTSLLCVPLAHNIFGLIGPNAGLGLAIGMVDSSMMPIMGHLVDLRHTSVYGSVYAIADVAFCMGFAIGPSTGGAIVKAI
GFPWLMVITGVINIVYAPLCYYLRSPPAKEEKLAILSQDCPMETRMYATQKPTKEFPLGEDSDEEPDHEE
;
_entity_poly.pdbx_strand_id   A,B
#
loop_
_chem_comp.id
_chem_comp.type
_chem_comp.name
_chem_comp.formula
YHR non-polymer reserpine 'C33 H40 N2 O9'
#
# COMPACT_ATOMS: atom_id res chain seq x y z
CA SER A 19 -1.86 29.17 -27.82
C SER A 19 -2.07 28.17 -26.68
N ARG A 20 -2.35 26.92 -27.04
CA ARG A 20 -2.52 25.88 -26.03
C ARG A 20 -1.22 25.63 -25.27
N GLN A 21 -0.13 25.43 -26.01
CA GLN A 21 1.18 25.33 -25.39
C GLN A 21 1.76 26.68 -25.03
N LEU A 22 1.21 27.77 -25.56
CA LEU A 22 1.74 29.09 -25.26
C LEU A 22 1.52 29.46 -23.81
N VAL A 23 0.31 29.22 -23.28
CA VAL A 23 0.10 29.46 -21.86
C VAL A 23 0.44 28.19 -21.09
N LEU A 24 1.75 28.03 -20.88
CA LEU A 24 2.26 26.92 -20.10
C LEU A 24 3.49 27.56 -19.40
N VAL A 25 4.24 28.44 -20.10
CA VAL A 25 5.38 29.13 -19.53
C VAL A 25 4.94 30.28 -18.64
N VAL A 26 3.79 30.90 -18.96
CA VAL A 26 3.22 31.93 -18.10
C VAL A 26 2.83 31.33 -16.75
N VAL A 27 2.22 30.15 -16.76
CA VAL A 27 1.91 29.46 -15.51
C VAL A 27 3.16 28.88 -14.86
N PHE A 28 4.10 28.38 -15.66
CA PHE A 28 5.35 27.86 -15.12
C PHE A 28 6.15 28.97 -14.44
N VAL A 29 6.26 30.12 -15.09
CA VAL A 29 7.00 31.24 -14.51
C VAL A 29 6.24 31.83 -13.33
N ALA A 30 4.91 31.91 -13.43
CA ALA A 30 4.10 32.48 -12.35
C ALA A 30 4.20 31.65 -11.08
N LEU A 31 4.13 30.33 -11.20
CA LEU A 31 4.28 29.48 -10.03
C LEU A 31 5.73 29.38 -9.57
N LEU A 32 6.68 29.63 -10.48
CA LEU A 32 8.09 29.58 -10.09
C LEU A 32 8.45 30.71 -9.14
N LEU A 33 8.02 31.94 -9.45
CA LEU A 33 8.36 33.08 -8.60
C LEU A 33 7.53 33.14 -7.33
N ASP A 34 6.27 32.71 -7.40
CA ASP A 34 5.38 32.80 -6.23
C ASP A 34 5.85 31.86 -5.13
N ASN A 35 6.15 30.61 -5.47
CA ASN A 35 6.70 29.69 -4.49
C ASN A 35 8.15 30.04 -4.14
N MET A 36 8.84 30.79 -5.01
CA MET A 36 10.15 31.31 -4.64
C MET A 36 10.04 32.27 -3.47
N LEU A 37 9.05 33.17 -3.51
CA LEU A 37 8.83 34.09 -2.40
C LEU A 37 8.38 33.35 -1.14
N PHE A 38 7.68 32.22 -1.32
CA PHE A 38 7.24 31.43 -0.18
C PHE A 38 8.44 30.84 0.56
N THR A 39 9.45 30.38 -0.16
CA THR A 39 10.57 29.68 0.45
C THR A 39 11.77 30.59 0.73
N VAL A 40 11.95 31.67 -0.04
CA VAL A 40 13.09 32.55 0.15
C VAL A 40 13.01 33.29 1.49
N VAL A 41 11.80 33.44 2.04
CA VAL A 41 11.62 34.17 3.28
C VAL A 41 12.23 33.41 4.47
N VAL A 42 12.42 32.10 4.33
CA VAL A 42 12.82 31.27 5.48
C VAL A 42 14.19 31.63 6.03
N PRO A 43 15.28 31.65 5.24
CA PRO A 43 16.60 31.87 5.83
C PRO A 43 16.94 33.31 6.17
N ILE A 44 16.06 34.27 5.87
CA ILE A 44 16.39 35.67 6.07
C ILE A 44 15.56 36.32 7.18
N VAL A 45 14.37 35.82 7.47
CA VAL A 45 13.49 36.44 8.47
C VAL A 45 13.98 36.20 9.90
N PRO A 46 14.14 34.96 10.38
CA PRO A 46 14.47 34.79 11.82
C PRO A 46 15.87 35.26 12.19
N THR A 47 16.77 35.46 11.23
CA THR A 47 18.07 36.04 11.55
C THR A 47 17.97 37.54 11.82
N PHE A 48 17.08 38.24 11.11
CA PHE A 48 16.91 39.66 11.34
C PHE A 48 16.30 39.92 12.71
N LEU A 49 15.25 39.17 13.07
CA LEU A 49 14.54 39.42 14.32
C LEU A 49 15.39 39.07 15.54
N TYR A 50 16.40 38.24 15.40
CA TYR A 50 17.28 37.89 16.50
C TYR A 50 18.53 38.76 16.50
N ILE A 81 10.14 31.94 19.31
CA ILE A 81 9.93 30.82 18.40
C ILE A 81 8.47 30.78 17.96
N THR A 82 7.57 30.72 18.93
CA THR A 82 6.14 30.72 18.62
C THR A 82 5.71 32.03 17.97
N ARG A 83 6.35 33.13 18.33
CA ARG A 83 6.02 34.42 17.73
C ARG A 83 6.33 34.44 16.24
N VAL A 84 7.45 33.84 15.84
CA VAL A 84 7.79 33.78 14.42
C VAL A 84 7.02 32.69 13.69
N GLY A 85 6.48 31.71 14.41
CA GLY A 85 5.70 30.67 13.75
C GLY A 85 4.41 31.19 13.15
N VAL A 86 3.77 32.14 13.83
CA VAL A 86 2.54 32.73 13.29
C VAL A 86 2.84 33.55 12.04
N LEU A 87 4.04 34.13 11.97
CA LEU A 87 4.42 34.89 10.78
C LEU A 87 4.50 34.01 9.55
N PHE A 88 5.09 32.81 9.69
CA PHE A 88 5.20 31.91 8.55
C PHE A 88 3.85 31.39 8.11
N ALA A 89 2.91 31.23 9.03
CA ALA A 89 1.58 30.71 8.72
C ALA A 89 0.61 31.80 8.29
N SER A 90 1.04 33.06 8.25
CA SER A 90 0.16 34.14 7.82
C SER A 90 -0.26 33.97 6.37
N LYS A 91 0.66 33.47 5.53
CA LYS A 91 0.32 33.24 4.13
C LYS A 91 -0.76 32.18 3.97
N ALA A 92 -0.67 31.09 4.74
CA ALA A 92 -1.61 30.00 4.57
C ALA A 92 -3.00 30.35 5.09
N VAL A 93 -3.08 31.01 6.24
CA VAL A 93 -4.38 31.28 6.86
C VAL A 93 -5.16 32.29 6.05
N MET A 94 -4.53 33.40 5.66
CA MET A 94 -5.23 34.43 4.90
C MET A 94 -5.59 33.93 3.51
N GLN A 95 -4.67 33.22 2.86
CA GLN A 95 -4.95 32.70 1.53
C GLN A 95 -6.01 31.61 1.55
N LEU A 96 -6.16 30.91 2.68
CA LEU A 96 -7.26 29.94 2.81
C LEU A 96 -8.61 30.64 2.79
N LEU A 97 -8.73 31.77 3.49
CA LEU A 97 -10.01 32.48 3.55
C LEU A 97 -10.35 33.13 2.22
N VAL A 98 -9.34 33.66 1.52
CA VAL A 98 -9.58 34.34 0.25
C VAL A 98 -9.87 33.34 -0.87
N ASN A 99 -9.55 32.06 -0.66
CA ASN A 99 -9.80 31.03 -1.67
C ASN A 99 -11.27 30.89 -2.04
N PRO A 100 -12.23 30.82 -1.09
CA PRO A 100 -13.64 30.75 -1.50
C PRO A 100 -14.16 31.95 -2.26
N PHE A 101 -13.51 33.11 -2.15
CA PHE A 101 -13.93 34.30 -2.88
C PHE A 101 -13.29 34.40 -4.26
N VAL A 102 -12.36 33.52 -4.61
CA VAL A 102 -11.74 33.55 -5.92
C VAL A 102 -12.40 32.57 -6.89
N GLY A 103 -12.91 31.45 -6.40
CA GLY A 103 -13.51 30.42 -7.22
C GLY A 103 -14.74 30.88 -7.97
N PRO A 104 -15.80 31.24 -7.25
CA PRO A 104 -17.05 31.66 -7.93
C PRO A 104 -16.90 32.90 -8.78
N LEU A 105 -15.92 33.77 -8.49
CA LEU A 105 -15.71 34.95 -9.31
C LEU A 105 -15.25 34.60 -10.72
N THR A 106 -14.52 33.49 -10.88
CA THR A 106 -13.88 33.17 -12.16
C THR A 106 -14.88 32.88 -13.27
N ASN A 107 -16.14 32.57 -12.94
CA ASN A 107 -17.13 32.27 -13.97
C ASN A 107 -17.45 33.50 -14.81
N ARG A 108 -17.25 34.71 -14.27
CA ARG A 108 -17.63 35.93 -14.96
C ARG A 108 -16.46 36.85 -15.29
N ILE A 109 -15.37 36.82 -14.53
CA ILE A 109 -14.26 37.73 -14.78
C ILE A 109 -13.26 37.12 -15.76
N GLY A 110 -12.98 35.83 -15.64
CA GLY A 110 -11.95 35.18 -16.42
C GLY A 110 -10.72 34.88 -15.59
N TYR A 111 -9.77 34.20 -16.24
CA TYR A 111 -8.53 33.82 -15.58
C TYR A 111 -7.40 34.83 -15.76
N HIS A 112 -7.48 35.69 -16.78
CA HIS A 112 -6.38 36.61 -17.06
C HIS A 112 -6.27 37.68 -15.99
N ILE A 113 -7.41 38.26 -15.59
CA ILE A 113 -7.39 39.30 -14.55
C ILE A 113 -6.86 38.80 -13.22
N PRO A 114 -7.27 37.63 -12.71
CA PRO A 114 -6.62 37.10 -11.50
C PRO A 114 -5.14 36.87 -11.64
N MET A 115 -4.66 36.46 -12.82
CA MET A 115 -3.22 36.28 -13.00
C MET A 115 -2.48 37.61 -12.94
N PHE A 116 -3.04 38.64 -13.57
CA PHE A 116 -2.44 39.97 -13.49
C PHE A 116 -2.46 40.50 -12.07
N ALA A 117 -3.55 40.23 -11.34
CA ALA A 117 -3.63 40.63 -9.95
C ALA A 117 -2.58 39.90 -9.10
N GLY A 118 -2.36 38.62 -9.38
CA GLY A 118 -1.29 37.90 -8.71
C GLY A 118 0.07 38.47 -8.99
N PHE A 119 0.32 38.87 -10.24
CA PHE A 119 1.57 39.54 -10.58
C PHE A 119 1.76 40.83 -9.80
N VAL A 120 0.75 41.69 -9.78
CA VAL A 120 0.90 42.99 -9.11
C VAL A 120 1.02 42.78 -7.60
N ILE A 121 0.25 41.85 -7.04
CA ILE A 121 0.31 41.59 -5.61
C ILE A 121 1.67 41.03 -5.22
N MET A 122 2.26 40.18 -6.07
CA MET A 122 3.61 39.71 -5.81
C MET A 122 4.61 40.86 -5.91
N PHE A 123 4.33 41.84 -6.78
CA PHE A 123 5.20 42.99 -6.91
C PHE A 123 5.23 43.75 -5.59
N LEU A 124 4.07 44.13 -5.06
CA LEU A 124 4.06 44.80 -3.76
C LEU A 124 4.58 43.92 -2.63
N SER A 125 4.32 42.60 -2.70
CA SER A 125 4.80 41.70 -1.66
C SER A 125 6.33 41.62 -1.61
N THR A 126 6.99 41.61 -2.77
CA THR A 126 8.45 41.59 -2.77
C THR A 126 9.05 42.97 -2.47
N VAL A 127 8.40 44.05 -2.93
CA VAL A 127 8.95 45.37 -2.65
C VAL A 127 8.84 45.70 -1.16
N MET A 128 7.74 45.29 -0.51
CA MET A 128 7.61 45.53 0.91
C MET A 128 8.60 44.70 1.71
N PHE A 129 8.83 43.45 1.29
CA PHE A 129 9.80 42.60 1.97
C PHE A 129 11.22 43.15 1.83
N ALA A 130 11.51 43.76 0.68
CA ALA A 130 12.86 44.28 0.45
C ALA A 130 13.19 45.44 1.38
N PHE A 131 12.19 46.20 1.82
CA PHE A 131 12.42 47.37 2.64
C PHE A 131 11.98 47.22 4.09
N SER A 132 11.18 46.21 4.41
CA SER A 132 10.66 46.08 5.77
C SER A 132 11.76 45.65 6.74
N GLY A 133 11.70 46.20 7.95
CA GLY A 133 12.63 45.84 9.00
C GLY A 133 11.95 45.74 10.35
N THR A 134 10.65 45.50 10.34
CA THR A 134 9.87 45.41 11.57
C THR A 134 8.78 44.36 11.37
N TYR A 135 8.29 43.82 12.49
CA TYR A 135 7.28 42.77 12.45
C TYR A 135 5.97 43.28 11.85
N THR A 136 5.60 44.52 12.19
CA THR A 136 4.31 45.06 11.77
C THR A 136 4.21 45.21 10.26
N LEU A 137 5.34 45.42 9.57
CA LEU A 137 5.34 45.46 8.12
C LEU A 137 5.53 44.07 7.52
N LEU A 138 6.31 43.22 8.19
CA LEU A 138 6.57 41.88 7.68
C LEU A 138 5.30 41.04 7.64
N PHE A 139 4.45 41.16 8.66
CA PHE A 139 3.19 40.41 8.66
C PHE A 139 2.27 40.85 7.54
N VAL A 140 2.18 42.16 7.30
CA VAL A 140 1.33 42.67 6.22
C VAL A 140 1.86 42.22 4.87
N ALA A 141 3.18 42.28 4.67
CA ALA A 141 3.77 41.84 3.42
C ALA A 141 3.58 40.34 3.20
N ARG A 142 3.69 39.55 4.27
CA ARG A 142 3.48 38.11 4.15
C ARG A 142 2.02 37.78 3.83
N THR A 143 1.08 38.54 4.42
CA THR A 143 -0.33 38.34 4.09
C THR A 143 -0.60 38.70 2.63
N LEU A 144 0.01 39.78 2.15
CA LEU A 144 -0.12 40.13 0.74
C LEU A 144 0.47 39.05 -0.16
N GLN A 145 1.60 38.47 0.25
CA GLN A 145 2.19 37.36 -0.49
C GLN A 145 1.24 36.16 -0.51
N GLY A 146 0.58 35.89 0.60
CA GLY A 146 -0.36 34.79 0.65
C GLY A 146 -1.56 34.98 -0.26
N ILE A 147 -2.13 36.19 -0.25
CA ILE A 147 -3.31 36.43 -1.09
C ILE A 147 -2.91 36.41 -2.57
N GLY A 148 -1.75 36.97 -2.91
CA GLY A 148 -1.28 36.89 -4.27
C GLY A 148 -0.99 35.47 -4.71
N SER A 149 -0.43 34.65 -3.82
CA SER A 149 -0.17 33.26 -4.12
C SER A 149 -1.47 32.50 -4.38
N SER A 150 -2.50 32.76 -3.55
CA SER A 150 -3.79 32.11 -3.75
C SER A 150 -4.39 32.49 -5.10
N PHE A 151 -4.40 33.79 -5.41
CA PHE A 151 -4.93 34.27 -6.68
C PHE A 151 -4.20 33.65 -7.86
N SER A 152 -2.87 33.69 -7.85
CA SER A 152 -2.08 33.22 -8.98
C SER A 152 -2.19 31.71 -9.13
N SER A 153 -2.15 30.95 -8.03
CA SER A 153 -2.24 29.50 -8.12
C SER A 153 -3.59 29.05 -8.65
N VAL A 154 -4.68 29.64 -8.12
CA VAL A 154 -6.01 29.23 -8.57
C VAL A 154 -6.23 29.60 -10.03
N ALA A 155 -5.84 30.83 -10.41
CA ALA A 155 -6.03 31.27 -11.79
C ALA A 155 -5.17 30.46 -12.75
N GLY A 156 -3.92 30.17 -12.38
CA GLY A 156 -3.05 29.40 -13.26
C GLY A 156 -3.51 27.98 -13.45
N LEU A 157 -3.92 27.31 -12.37
CA LEU A 157 -4.38 25.93 -12.52
C LEU A 157 -5.69 25.88 -13.28
N GLY A 158 -6.58 26.86 -13.07
CA GLY A 158 -7.80 26.91 -13.85
C GLY A 158 -7.55 27.14 -15.32
N MET A 159 -6.61 28.03 -15.65
CA MET A 159 -6.28 28.29 -17.05
C MET A 159 -5.64 27.06 -17.69
N LEU A 160 -4.78 26.36 -16.94
CA LEU A 160 -4.18 25.13 -17.46
C LEU A 160 -5.24 24.07 -17.71
N ALA A 161 -6.22 23.94 -16.81
CA ALA A 161 -7.30 23.00 -17.03
C ALA A 161 -8.15 23.38 -18.23
N SER A 162 -8.42 24.68 -18.41
CA SER A 162 -9.29 25.11 -19.50
C SER A 162 -8.61 25.02 -20.85
N VAL A 163 -7.29 25.24 -20.90
CA VAL A 163 -6.58 25.25 -22.18
C VAL A 163 -6.51 23.86 -22.77
N TYR A 164 -6.19 22.86 -21.96
CA TYR A 164 -6.00 21.50 -22.43
C TYR A 164 -7.26 20.68 -22.14
N THR A 165 -7.81 20.05 -23.18
CA THR A 165 -9.01 19.23 -23.03
C THR A 165 -8.72 17.75 -23.02
N ASP A 166 -7.68 17.30 -23.72
CA ASP A 166 -7.29 15.89 -23.68
C ASP A 166 -6.79 15.53 -22.29
N ASP A 167 -7.15 14.33 -21.82
CA ASP A 167 -6.84 13.94 -20.45
C ASP A 167 -5.33 13.77 -20.25
N HIS A 168 -4.67 13.08 -21.18
CA HIS A 168 -3.26 12.78 -21.02
C HIS A 168 -2.41 14.05 -21.12
N GLU A 169 -2.72 14.92 -22.08
CA GLU A 169 -1.98 16.17 -22.22
C GLU A 169 -2.20 17.08 -21.02
N ARG A 170 -3.43 17.11 -20.49
CA ARG A 170 -3.70 17.89 -19.28
C ARG A 170 -2.91 17.35 -18.10
N GLY A 171 -2.83 16.02 -17.98
CA GLY A 171 -2.03 15.44 -16.91
C GLY A 171 -0.56 15.78 -17.03
N ARG A 172 -0.03 15.74 -18.26
CA ARG A 172 1.37 16.11 -18.48
C ARG A 172 1.63 17.57 -18.16
N ALA A 173 0.70 18.46 -18.55
CA ALA A 173 0.85 19.88 -18.27
C ALA A 173 0.81 20.15 -16.77
N MET A 174 -0.11 19.50 -16.05
CA MET A 174 -0.17 19.69 -14.60
C MET A 174 1.07 19.12 -13.93
N GLY A 175 1.60 18.01 -14.45
CA GLY A 175 2.86 17.49 -13.92
C GLY A 175 4.00 18.45 -14.10
N THR A 176 4.10 19.09 -15.28
CA THR A 176 5.19 20.05 -15.49
C THR A 176 4.97 21.32 -14.67
N ALA A 177 3.71 21.71 -14.42
CA ALA A 177 3.47 22.87 -13.57
C ALA A 177 3.88 22.60 -12.13
N LEU A 178 3.51 21.42 -11.61
CA LEU A 178 3.97 21.06 -10.27
C LEU A 178 5.47 20.85 -10.23
N GLY A 179 6.08 20.45 -11.34
CA GLY A 179 7.53 20.42 -11.42
C GLY A 179 8.15 21.79 -11.28
N GLY A 180 7.55 22.80 -11.93
CA GLY A 180 8.01 24.16 -11.75
C GLY A 180 7.85 24.64 -10.31
N LEU A 181 6.74 24.27 -9.68
CA LEU A 181 6.53 24.64 -8.29
C LEU A 181 7.58 23.99 -7.38
N ALA A 182 7.87 22.71 -7.61
CA ALA A 182 8.89 22.02 -6.83
C ALA A 182 10.27 22.61 -7.08
N LEU A 183 10.55 23.01 -8.33
CA LEU A 183 11.82 23.66 -8.64
C LEU A 183 11.95 24.99 -7.92
N GLY A 184 10.86 25.75 -7.86
CA GLY A 184 10.88 26.99 -7.09
C GLY A 184 11.12 26.75 -5.61
N LEU A 185 10.47 25.73 -5.05
CA LEU A 185 10.70 25.38 -3.66
C LEU A 185 12.14 24.94 -3.42
N LEU A 186 12.75 24.30 -4.42
CA LEU A 186 14.13 23.85 -4.28
C LEU A 186 15.10 25.03 -4.35
N VAL A 187 14.82 26.00 -5.23
CA VAL A 187 15.75 27.10 -5.45
C VAL A 187 15.53 28.29 -4.54
N GLY A 188 14.42 28.35 -3.82
CA GLY A 188 14.13 29.51 -2.99
C GLY A 188 15.06 29.75 -1.81
N ALA A 189 15.09 28.80 -0.87
CA ALA A 189 15.80 29.02 0.39
C ALA A 189 17.30 29.22 0.25
N PRO A 190 18.04 28.37 -0.48
CA PRO A 190 19.48 28.65 -0.67
C PRO A 190 19.77 29.95 -1.39
N PHE A 191 18.87 30.39 -2.28
CA PHE A 191 19.05 31.66 -2.99
C PHE A 191 19.08 32.82 -1.99
N GLY A 192 18.05 32.91 -1.15
CA GLY A 192 18.03 33.91 -0.11
C GLY A 192 19.15 33.75 0.90
N SER A 193 19.56 32.51 1.16
CA SER A 193 20.64 32.27 2.12
C SER A 193 21.95 32.86 1.61
N VAL A 194 22.32 32.56 0.37
CA VAL A 194 23.57 33.11 -0.17
C VAL A 194 23.47 34.62 -0.36
N MET A 195 22.28 35.13 -0.71
CA MET A 195 22.16 36.58 -0.85
C MET A 195 22.33 37.30 0.49
N TYR A 196 21.69 36.78 1.55
CA TYR A 196 21.85 37.40 2.86
C TYR A 196 23.24 37.15 3.43
N GLU A 197 23.94 36.12 2.97
CA GLU A 197 25.29 35.87 3.46
C GLU A 197 26.30 36.81 2.83
N PHE A 198 26.44 36.77 1.50
CA PHE A 198 27.50 37.60 0.90
C PHE A 198 27.00 38.97 0.47
N VAL A 199 25.83 39.07 -0.16
CA VAL A 199 25.45 40.33 -0.80
C VAL A 199 24.63 41.19 0.15
N GLY A 200 23.51 40.67 0.65
CA GLY A 200 22.66 41.44 1.53
C GLY A 200 21.26 40.90 1.56
N LYS A 201 20.42 41.57 2.37
CA LYS A 201 19.05 41.10 2.58
C LYS A 201 18.12 41.56 1.48
N SER A 202 18.13 42.87 1.16
CA SER A 202 17.16 43.40 0.22
C SER A 202 17.45 42.98 -1.22
N ALA A 203 18.67 42.53 -1.51
CA ALA A 203 19.05 42.15 -2.86
C ALA A 203 18.23 41.01 -3.45
N PRO A 204 18.03 39.87 -2.75
CA PRO A 204 17.18 38.82 -3.33
C PRO A 204 15.76 39.24 -3.59
N PHE A 205 15.19 40.11 -2.75
CA PHE A 205 13.86 40.62 -3.01
C PHE A 205 13.83 41.49 -4.27
N LEU A 206 14.88 42.30 -4.48
CA LEU A 206 14.95 43.09 -5.71
C LEU A 206 15.13 42.20 -6.94
N ILE A 207 15.92 41.14 -6.83
CA ILE A 207 16.12 40.24 -7.96
C ILE A 207 14.82 39.52 -8.30
N LEU A 208 14.10 39.05 -7.28
CA LEU A 208 12.80 38.45 -7.51
C LEU A 208 11.81 39.45 -8.08
N ALA A 209 11.93 40.72 -7.69
CA ALA A 209 11.07 41.75 -8.27
C ALA A 209 11.37 41.95 -9.75
N PHE A 210 12.65 41.95 -10.12
CA PHE A 210 12.99 42.10 -11.54
C PHE A 210 12.47 40.91 -12.35
N LEU A 211 12.62 39.71 -11.80
CA LEU A 211 12.03 38.54 -12.44
C LEU A 211 10.51 38.64 -12.50
N ALA A 212 9.91 39.29 -11.50
CA ALA A 212 8.46 39.47 -11.48
C ALA A 212 8.00 40.42 -12.57
N LEU A 213 8.75 41.48 -12.79
CA LEU A 213 8.42 42.42 -13.86
C LEU A 213 8.57 41.72 -15.20
N LEU A 214 9.61 40.89 -15.34
CA LEU A 214 9.78 40.14 -16.57
C LEU A 214 8.61 39.18 -16.81
N ASP A 215 8.14 38.53 -15.74
CA ASP A 215 6.97 37.66 -15.85
C ASP A 215 5.72 38.46 -16.24
N GLY A 216 5.55 39.64 -15.65
CA GLY A 216 4.42 40.48 -16.00
C GLY A 216 4.47 40.97 -17.43
N ALA A 217 5.67 41.27 -17.93
CA ALA A 217 5.82 41.60 -19.34
C ALA A 217 5.44 40.42 -20.21
N LEU A 218 5.80 39.21 -19.79
CA LEU A 218 5.36 38.01 -20.52
C LEU A 218 3.84 37.88 -20.52
N GLN A 219 3.21 38.13 -19.37
CA GLN A 219 1.75 38.06 -19.26
C GLN A 219 1.07 39.06 -20.18
N LEU A 220 1.57 40.30 -20.20
CA LEU A 220 1.03 41.31 -21.10
C LEU A 220 1.30 40.95 -22.56
N CYS A 221 2.40 40.24 -22.82
CA CYS A 221 2.71 39.84 -24.19
C CYS A 221 1.73 38.80 -24.72
N ILE A 222 1.49 37.74 -23.95
CA ILE A 222 0.72 36.60 -24.46
C ILE A 222 -0.75 36.68 -24.04
N LEU A 223 -1.04 36.83 -22.75
CA LEU A 223 -2.40 36.68 -22.27
C LEU A 223 -3.29 37.85 -22.72
N GLN A 224 -2.75 39.08 -22.69
CA GLN A 224 -3.50 40.28 -23.00
C GLN A 224 -4.68 40.46 -22.05
N PRO A 225 -4.44 40.69 -20.76
CA PRO A 225 -5.56 40.88 -19.81
C PRO A 225 -6.07 42.31 -19.81
N SER A 226 -6.88 42.63 -20.82
CA SER A 226 -7.40 43.97 -21.01
C SER A 226 -8.92 44.06 -21.02
N LYS A 227 -9.62 42.94 -21.17
CA LYS A 227 -11.08 42.95 -21.23
C LYS A 227 -11.62 41.84 -20.34
N VAL A 228 -12.85 42.03 -19.87
CA VAL A 228 -13.51 41.08 -18.99
C VAL A 228 -14.34 40.14 -19.86
N SER A 229 -13.94 38.87 -19.89
CA SER A 229 -14.65 37.86 -20.68
C SER A 229 -15.28 36.84 -19.75
N PRO A 230 -16.59 36.85 -19.55
CA PRO A 230 -17.22 35.85 -18.69
C PRO A 230 -17.44 34.55 -19.41
N GLU A 231 -17.26 33.44 -18.69
CA GLU A 231 -17.43 32.12 -19.28
C GLU A 231 -18.89 31.89 -19.63
N SER A 232 -19.13 31.31 -20.81
CA SER A 232 -20.50 31.07 -21.28
C SER A 232 -21.22 30.07 -20.39
N ALA A 233 -20.54 29.01 -19.97
CA ALA A 233 -21.15 28.03 -19.08
C ALA A 233 -21.13 28.54 -17.65
N LYS A 234 -22.24 28.35 -16.95
CA LYS A 234 -22.36 28.75 -15.55
C LYS A 234 -21.76 27.66 -14.66
N GLY A 235 -20.74 28.03 -13.89
CA GLY A 235 -20.08 27.06 -13.04
C GLY A 235 -20.99 26.56 -11.92
N THR A 236 -20.74 25.32 -11.51
CA THR A 236 -21.49 24.76 -10.40
C THR A 236 -21.13 25.47 -9.11
N PRO A 237 -22.08 25.63 -8.19
CA PRO A 237 -21.77 26.27 -6.91
C PRO A 237 -20.78 25.46 -6.09
N LEU A 238 -19.96 26.18 -5.32
CA LEU A 238 -18.89 25.53 -4.57
C LEU A 238 -19.44 24.64 -3.47
N PHE A 239 -20.53 25.05 -2.83
CA PHE A 239 -21.11 24.26 -1.75
C PHE A 239 -21.67 22.93 -2.25
N MET A 240 -22.25 22.92 -3.45
CA MET A 240 -22.77 21.68 -4.01
C MET A 240 -21.65 20.69 -4.32
N LEU A 241 -20.44 21.18 -4.59
CA LEU A 241 -19.32 20.28 -4.86
C LEU A 241 -18.87 19.52 -3.63
N LEU A 242 -19.23 19.99 -2.43
CA LEU A 242 -18.93 19.26 -1.20
C LEU A 242 -19.90 18.10 -0.96
N LYS A 243 -20.94 17.97 -1.77
CA LYS A 243 -21.87 16.85 -1.68
C LYS A 243 -21.54 15.73 -2.66
N ASP A 244 -20.44 15.85 -3.40
CA ASP A 244 -19.98 14.80 -4.29
C ASP A 244 -18.83 14.06 -3.64
N PRO A 245 -18.97 12.77 -3.33
CA PRO A 245 -17.89 12.06 -2.64
C PRO A 245 -16.60 11.93 -3.43
N TYR A 246 -16.67 12.01 -4.77
CA TYR A 246 -15.46 11.95 -5.58
C TYR A 246 -14.55 13.15 -5.32
N ILE A 247 -15.12 14.35 -5.36
CA ILE A 247 -14.35 15.56 -5.12
C ILE A 247 -13.83 15.59 -3.69
N LEU A 248 -14.66 15.16 -2.73
CA LEU A 248 -14.22 15.09 -1.34
C LEU A 248 -13.09 14.10 -1.14
N VAL A 249 -13.14 12.93 -1.78
CA VAL A 249 -12.07 11.96 -1.63
C VAL A 249 -10.77 12.48 -2.24
N ALA A 250 -10.84 13.07 -3.43
CA ALA A 250 -9.63 13.58 -4.08
C ALA A 250 -9.03 14.73 -3.28
N ALA A 251 -9.86 15.68 -2.84
CA ALA A 251 -9.38 16.79 -2.04
C ALA A 251 -8.83 16.32 -0.70
N GLY A 252 -9.46 15.30 -0.10
CA GLY A 252 -8.94 14.77 1.14
C GLY A 252 -7.60 14.10 0.98
N SER A 253 -7.41 13.37 -0.12
CA SER A 253 -6.12 12.75 -0.38
C SER A 253 -5.03 13.80 -0.58
N ILE A 254 -5.33 14.84 -1.36
CA ILE A 254 -4.36 15.91 -1.58
C ILE A 254 -4.04 16.63 -0.29
N CYS A 255 -5.07 16.95 0.49
CA CYS A 255 -4.88 17.66 1.76
C CYS A 255 -4.11 16.80 2.76
N PHE A 256 -4.35 15.48 2.77
CA PHE A 256 -3.66 14.62 3.71
C PHE A 256 -2.19 14.47 3.36
N ALA A 257 -1.87 14.33 2.07
CA ALA A 257 -0.46 14.27 1.67
C ALA A 257 0.25 15.59 1.96
N ASN A 258 -0.39 16.71 1.66
CA ASN A 258 0.24 18.00 1.92
C ASN A 258 0.35 18.28 3.42
N MET A 259 -0.59 17.78 4.22
CA MET A 259 -0.46 17.88 5.67
C MET A 259 0.70 17.02 6.16
N GLY A 260 0.87 15.84 5.55
CA GLY A 260 1.99 14.99 5.92
C GLY A 260 3.33 15.63 5.63
N VAL A 261 3.42 16.44 4.58
CA VAL A 261 4.68 17.14 4.34
C VAL A 261 4.79 18.39 5.22
N ALA A 262 3.68 19.11 5.42
CA ALA A 262 3.72 20.39 6.11
C ALA A 262 3.77 20.25 7.62
N ILE A 263 3.53 19.06 8.17
CA ILE A 263 3.76 18.82 9.58
C ILE A 263 5.23 18.52 9.83
N LEU A 264 5.83 17.68 8.98
CA LEU A 264 7.24 17.36 9.10
C LEU A 264 8.13 18.57 8.76
N GLU A 265 7.62 19.52 7.99
CA GLU A 265 8.42 20.69 7.62
C GLU A 265 8.89 21.53 8.81
N PRO A 266 8.03 22.02 9.70
CA PRO A 266 8.50 22.96 10.72
C PRO A 266 9.07 22.33 11.98
N THR A 267 8.60 21.15 12.36
CA THR A 267 9.01 20.55 13.63
C THR A 267 10.21 19.63 13.51
N LEU A 268 10.68 19.34 12.30
CA LEU A 268 11.85 18.48 12.13
C LEU A 268 13.12 19.06 12.73
N PRO A 269 13.49 20.33 12.51
CA PRO A 269 14.73 20.86 13.11
C PRO A 269 14.75 20.84 14.63
N ILE A 270 13.60 21.04 15.29
CA ILE A 270 13.56 20.98 16.76
C ILE A 270 13.91 19.58 17.23
N TRP A 271 13.35 18.55 16.57
CA TRP A 271 13.71 17.18 16.87
C TRP A 271 15.18 16.92 16.57
N MET A 272 15.71 17.54 15.51
CA MET A 272 17.11 17.35 15.16
C MET A 272 18.04 17.86 16.26
N MET A 273 17.78 19.08 16.75
CA MET A 273 18.59 19.59 17.85
C MET A 273 18.37 18.81 19.13
N GLN A 274 17.14 18.35 19.37
CA GLN A 274 16.86 17.66 20.63
C GLN A 274 17.50 16.27 20.67
N THR A 275 17.63 15.60 19.52
CA THR A 275 18.11 14.22 19.51
C THR A 275 19.50 14.09 18.92
N MET A 276 19.71 14.52 17.67
CA MET A 276 20.99 14.27 17.02
C MET A 276 22.08 15.21 17.49
N CYS A 277 21.74 16.45 17.82
CA CYS A 277 22.72 17.49 18.18
C CYS A 277 23.68 17.72 17.02
N SER A 278 23.11 18.05 15.87
CA SER A 278 23.85 18.19 14.63
C SER A 278 24.17 19.65 14.34
N PRO A 279 25.17 19.91 13.50
CA PRO A 279 25.47 21.29 13.10
C PRO A 279 24.32 21.91 12.33
N LYS A 280 24.37 23.24 12.20
CA LYS A 280 23.27 24.00 11.62
C LYS A 280 23.33 24.08 10.10
N TRP A 281 24.46 23.75 9.48
CA TRP A 281 24.60 23.97 8.05
C TRP A 281 23.80 22.98 7.21
N GLN A 282 23.46 21.82 7.75
CA GLN A 282 22.73 20.81 6.99
C GLN A 282 21.24 20.77 7.35
N LEU A 283 20.73 21.79 8.05
CA LEU A 283 19.31 21.81 8.36
C LEU A 283 18.46 21.91 7.11
N GLY A 284 18.86 22.74 6.15
CA GLY A 284 18.20 22.76 4.86
C GLY A 284 18.61 21.61 3.97
N LEU A 285 19.82 21.07 4.19
CA LEU A 285 20.28 19.92 3.43
C LEU A 285 19.45 18.68 3.73
N ALA A 286 18.90 18.60 4.95
CA ALA A 286 18.03 17.48 5.29
C ALA A 286 16.76 17.49 4.45
N PHE A 287 16.16 18.66 4.25
CA PHE A 287 14.93 18.76 3.49
C PHE A 287 15.18 18.91 1.98
N LEU A 288 16.43 19.13 1.58
CA LEU A 288 16.76 19.13 0.15
C LEU A 288 16.37 17.86 -0.59
N PRO A 289 16.62 16.64 -0.09
CA PRO A 289 16.16 15.44 -0.80
C PRO A 289 14.66 15.37 -0.99
N ALA A 290 13.88 15.91 -0.04
CA ALA A 290 12.43 15.95 -0.23
C ALA A 290 12.05 16.81 -1.43
N SER A 291 12.66 17.98 -1.56
CA SER A 291 12.37 18.85 -2.71
C SER A 291 12.84 18.22 -4.02
N VAL A 292 14.02 17.60 -4.02
CA VAL A 292 14.54 16.99 -5.24
C VAL A 292 13.66 15.82 -5.68
N SER A 293 13.26 14.96 -4.73
CA SER A 293 12.37 13.86 -5.04
C SER A 293 11.00 14.36 -5.47
N TYR A 294 10.52 15.45 -4.89
CA TYR A 294 9.28 16.08 -5.33
C TYR A 294 9.37 16.49 -6.78
N LEU A 295 10.46 17.17 -7.16
CA LEU A 295 10.63 17.63 -8.53
C LEU A 295 10.71 16.47 -9.50
N ILE A 296 11.49 15.44 -9.16
CA ILE A 296 11.67 14.30 -10.05
C ILE A 296 10.37 13.53 -10.21
N GLY A 297 9.64 13.31 -9.11
CA GLY A 297 8.39 12.58 -9.18
C GLY A 297 7.32 13.32 -9.96
N THR A 298 7.18 14.63 -9.72
CA THR A 298 6.15 15.37 -10.44
C THR A 298 6.51 15.55 -11.91
N ASN A 299 7.81 15.57 -12.24
CA ASN A 299 8.19 15.63 -13.64
C ASN A 299 8.05 14.29 -14.36
N LEU A 300 8.19 13.17 -13.64
CA LEU A 300 8.18 11.88 -14.30
C LEU A 300 6.82 11.19 -14.29
N PHE A 301 5.99 11.39 -13.26
CA PHE A 301 4.73 10.67 -13.17
C PHE A 301 3.61 11.30 -13.98
N GLY A 302 3.84 12.46 -14.60
CA GLY A 302 2.79 13.10 -15.40
C GLY A 302 2.41 12.29 -16.62
N VAL A 303 3.32 11.46 -17.12
CA VAL A 303 3.04 10.60 -18.27
C VAL A 303 2.66 9.21 -17.75
N LEU A 304 3.21 8.83 -16.61
CA LEU A 304 3.00 7.49 -16.06
C LEU A 304 1.62 7.31 -15.44
N ALA A 305 1.01 8.38 -14.94
CA ALA A 305 -0.27 8.25 -14.25
C ALA A 305 -1.38 7.81 -15.19
N ASN A 306 -1.37 8.32 -16.42
CA ASN A 306 -2.39 7.92 -17.39
C ASN A 306 -2.27 6.44 -17.75
N LYS A 307 -1.04 5.95 -17.91
CA LYS A 307 -0.86 4.55 -18.28
C LYS A 307 -1.16 3.62 -17.11
N MET A 308 -0.71 3.97 -15.90
CA MET A 308 -0.87 3.11 -14.74
C MET A 308 -2.23 3.20 -14.09
N GLY A 309 -3.06 4.16 -14.48
CA GLY A 309 -4.33 4.37 -13.80
C GLY A 309 -4.18 5.33 -12.64
N ARG A 310 -5.05 6.35 -12.59
CA ARG A 310 -4.89 7.40 -11.60
C ARG A 310 -5.18 6.90 -10.18
N TRP A 311 -6.18 6.04 -10.03
CA TRP A 311 -6.55 5.56 -8.70
C TRP A 311 -5.44 4.70 -8.10
N LEU A 312 -4.80 3.86 -8.91
CA LEU A 312 -3.71 3.04 -8.42
C LEU A 312 -2.50 3.89 -8.06
N CYS A 313 -2.24 4.93 -8.86
CA CYS A 313 -1.14 5.84 -8.56
C CYS A 313 -1.37 6.58 -7.26
N SER A 314 -2.60 7.05 -7.03
CA SER A 314 -2.93 7.73 -5.78
C SER A 314 -2.81 6.79 -4.59
N LEU A 315 -3.30 5.55 -4.73
CA LEU A 315 -3.23 4.59 -3.65
C LEU A 315 -1.78 4.26 -3.29
N ILE A 316 -0.96 4.00 -4.31
CA ILE A 316 0.45 3.68 -4.08
C ILE A 316 1.17 4.87 -3.50
N GLY A 317 0.82 6.08 -3.94
CA GLY A 317 1.44 7.28 -3.41
C GLY A 317 1.13 7.50 -1.94
N MET A 318 -0.13 7.32 -1.54
CA MET A 318 -0.44 7.53 -0.14
C MET A 318 0.08 6.41 0.74
N LEU A 319 0.17 5.18 0.21
CA LEU A 319 0.83 4.12 0.96
C LEU A 319 2.31 4.43 1.15
N VAL A 320 2.95 4.95 0.11
CA VAL A 320 4.37 5.30 0.21
C VAL A 320 4.59 6.43 1.20
N VAL A 321 3.72 7.45 1.18
CA VAL A 321 3.90 8.57 2.10
C VAL A 321 3.63 8.14 3.53
N GLY A 322 2.65 7.27 3.74
CA GLY A 322 2.42 6.74 5.09
C GLY A 322 3.59 5.93 5.60
N THR A 323 4.15 5.07 4.75
CA THR A 323 5.32 4.29 5.16
C THR A 323 6.53 5.17 5.42
N SER A 324 6.72 6.21 4.59
CA SER A 324 7.85 7.11 4.78
C SER A 324 7.71 7.91 6.07
N LEU A 325 6.50 8.39 6.37
CA LEU A 325 6.28 9.10 7.63
C LEU A 325 6.46 8.17 8.83
N LEU A 326 6.09 6.90 8.69
CA LEU A 326 6.36 5.94 9.75
C LEU A 326 7.87 5.75 9.95
N CYS A 327 8.62 5.65 8.85
CA CYS A 327 10.04 5.32 8.93
C CYS A 327 10.92 6.53 9.27
N VAL A 328 10.40 7.75 9.12
CA VAL A 328 11.21 8.94 9.41
C VAL A 328 11.66 9.03 10.87
N PRO A 329 10.79 8.90 11.88
CA PRO A 329 11.24 9.15 13.26
C PRO A 329 12.17 8.12 13.86
N LEU A 330 12.64 7.11 13.12
CA LEU A 330 13.57 6.12 13.66
C LEU A 330 15.02 6.42 13.31
N ALA A 331 15.30 7.48 12.57
CA ALA A 331 16.67 7.79 12.20
C ALA A 331 17.44 8.34 13.40
N HIS A 332 18.73 8.02 13.44
CA HIS A 332 19.62 8.52 14.49
C HIS A 332 20.71 9.43 13.96
N ASN A 333 20.71 9.70 12.65
CA ASN A 333 21.69 10.62 12.06
C ASN A 333 21.07 11.23 10.80
N ILE A 334 21.76 12.24 10.26
CA ILE A 334 21.24 12.95 9.09
C ILE A 334 21.22 12.04 7.87
N PHE A 335 22.15 11.09 7.78
CA PHE A 335 22.22 10.22 6.61
C PHE A 335 21.03 9.28 6.50
N GLY A 336 20.33 9.01 7.61
CA GLY A 336 19.17 8.15 7.56
C GLY A 336 17.89 8.80 7.10
N LEU A 337 17.90 10.12 6.91
CA LEU A 337 16.70 10.85 6.52
C LEU A 337 16.60 11.07 5.01
N ILE A 338 17.69 10.87 4.25
CA ILE A 338 17.64 11.07 2.81
C ILE A 338 16.71 10.07 2.14
N GLY A 339 16.68 8.84 2.65
CA GLY A 339 15.79 7.83 2.14
C GLY A 339 14.32 8.14 2.36
N PRO A 340 13.90 8.21 3.63
CA PRO A 340 12.49 8.50 3.91
C PRO A 340 11.99 9.84 3.39
N ASN A 341 12.82 10.88 3.43
CA ASN A 341 12.40 12.17 2.90
C ASN A 341 12.23 12.11 1.38
N ALA A 342 13.14 11.42 0.69
CA ALA A 342 13.00 11.26 -0.76
C ALA A 342 11.77 10.45 -1.10
N GLY A 343 11.49 9.39 -0.33
CA GLY A 343 10.26 8.63 -0.54
C GLY A 343 9.02 9.46 -0.28
N LEU A 344 9.06 10.31 0.74
CA LEU A 344 7.95 11.21 1.03
C LEU A 344 7.70 12.17 -0.13
N GLY A 345 8.77 12.75 -0.67
CA GLY A 345 8.62 13.65 -1.80
C GLY A 345 8.10 12.94 -3.04
N LEU A 346 8.59 11.72 -3.30
CA LEU A 346 8.11 10.96 -4.45
C LEU A 346 6.64 10.59 -4.28
N ALA A 347 6.23 10.21 -3.07
CA ALA A 347 4.83 9.88 -2.83
C ALA A 347 3.94 11.10 -2.98
N ILE A 348 4.41 12.26 -2.50
CA ILE A 348 3.64 13.49 -2.65
C ILE A 348 3.49 13.85 -4.12
N GLY A 349 4.56 13.69 -4.90
CA GLY A 349 4.47 13.92 -6.33
C GLY A 349 3.51 12.95 -7.00
N MET A 350 3.53 11.69 -6.54
CA MET A 350 2.58 10.68 -7.03
C MET A 350 1.15 11.12 -6.82
N VAL A 351 0.81 11.50 -5.58
CA VAL A 351 -0.56 11.87 -5.24
C VAL A 351 -0.96 13.14 -5.97
N ASP A 352 -0.06 14.12 -6.05
CA ASP A 352 -0.38 15.38 -6.72
C ASP A 352 -0.63 15.17 -8.20
N SER A 353 0.29 14.48 -8.89
CA SER A 353 0.11 14.26 -10.32
C SER A 353 -1.08 13.36 -10.62
N SER A 354 -1.41 12.44 -9.69
CA SER A 354 -2.55 11.57 -9.91
C SER A 354 -3.87 12.28 -9.71
N MET A 355 -3.97 13.15 -8.71
CA MET A 355 -5.25 13.70 -8.31
C MET A 355 -5.50 15.12 -8.80
N MET A 356 -4.47 15.82 -9.29
CA MET A 356 -4.72 17.13 -9.90
C MET A 356 -5.58 17.02 -11.15
N PRO A 357 -5.28 16.15 -12.13
CA PRO A 357 -6.21 15.98 -13.25
C PRO A 357 -7.45 15.19 -12.89
N ILE A 358 -7.45 14.47 -11.76
CA ILE A 358 -8.63 13.68 -11.40
C ILE A 358 -9.78 14.60 -11.01
N MET A 359 -9.48 15.78 -10.44
CA MET A 359 -10.52 16.76 -10.15
C MET A 359 -11.18 17.23 -11.43
N GLY A 360 -10.38 17.54 -12.45
CA GLY A 360 -10.93 17.96 -13.72
C GLY A 360 -11.71 16.85 -14.40
N HIS A 361 -11.21 15.61 -14.30
CA HIS A 361 -11.92 14.48 -14.89
C HIS A 361 -13.28 14.27 -14.21
N LEU A 362 -13.33 14.38 -12.88
CA LEU A 362 -14.59 14.23 -12.17
C LEU A 362 -15.57 15.36 -12.54
N VAL A 363 -15.05 16.59 -12.61
CA VAL A 363 -15.92 17.73 -12.92
C VAL A 363 -16.44 17.63 -14.35
N ASP A 364 -15.62 17.12 -15.28
CA ASP A 364 -16.09 16.93 -16.64
C ASP A 364 -17.06 15.77 -16.74
N LEU A 365 -16.87 14.72 -15.93
CA LEU A 365 -17.73 13.55 -16.02
C LEU A 365 -19.11 13.83 -15.45
N ARG A 366 -19.20 14.60 -14.37
CA ARG A 366 -20.49 14.82 -13.71
C ARG A 366 -21.06 16.21 -13.98
N HIS A 367 -20.33 17.26 -13.66
CA HIS A 367 -20.85 18.61 -13.63
C HIS A 367 -20.45 19.36 -14.89
N THR A 368 -20.75 20.66 -14.92
CA THR A 368 -20.42 21.49 -16.07
C THR A 368 -18.91 21.73 -16.13
N SER A 369 -18.45 22.16 -17.30
CA SER A 369 -17.02 22.36 -17.55
C SER A 369 -16.58 23.76 -17.13
N VAL A 370 -16.73 24.04 -15.84
CA VAL A 370 -16.21 25.25 -15.22
C VAL A 370 -15.28 24.79 -14.11
N TYR A 371 -13.99 25.07 -14.26
CA TYR A 371 -12.96 24.45 -13.44
C TYR A 371 -12.53 25.31 -12.27
N GLY A 372 -13.11 26.49 -12.10
CA GLY A 372 -12.67 27.38 -11.04
C GLY A 372 -12.95 26.84 -9.65
N SER A 373 -14.15 26.31 -9.43
CA SER A 373 -14.56 25.93 -8.07
C SER A 373 -13.83 24.68 -7.60
N VAL A 374 -13.68 23.68 -8.47
CA VAL A 374 -13.02 22.44 -8.09
C VAL A 374 -11.55 22.69 -7.76
N TYR A 375 -10.87 23.51 -8.58
CA TYR A 375 -9.48 23.82 -8.27
C TYR A 375 -9.34 24.81 -7.13
N ALA A 376 -10.38 25.59 -6.85
CA ALA A 376 -10.38 26.37 -5.61
C ALA A 376 -10.41 25.46 -4.40
N ILE A 377 -11.23 24.41 -4.46
CA ILE A 377 -11.26 23.41 -3.38
C ILE A 377 -9.92 22.70 -3.29
N ALA A 378 -9.31 22.40 -4.43
CA ALA A 378 -7.99 21.77 -4.44
C ALA A 378 -6.94 22.67 -3.81
N ASP A 379 -6.96 23.97 -4.10
CA ASP A 379 -6.02 24.89 -3.49
C ASP A 379 -6.27 25.04 -2.00
N VAL A 380 -7.54 24.99 -1.58
CA VAL A 380 -7.86 25.04 -0.15
C VAL A 380 -7.28 23.83 0.56
N ALA A 381 -7.44 22.64 -0.03
CA ALA A 381 -6.84 21.44 0.55
C ALA A 381 -5.31 21.52 0.52
N PHE A 382 -4.75 22.16 -0.51
CA PHE A 382 -3.31 22.36 -0.58
C PHE A 382 -2.82 23.21 0.58
N CYS A 383 -3.53 24.30 0.89
CA CYS A 383 -3.01 25.32 1.79
C CYS A 383 -3.45 25.15 3.23
N MET A 384 -4.48 24.35 3.51
CA MET A 384 -4.86 24.16 4.91
C MET A 384 -3.80 23.39 5.68
N GLY A 385 -3.04 22.53 4.99
CA GLY A 385 -1.92 21.86 5.65
C GLY A 385 -0.84 22.84 6.08
N PHE A 386 -0.49 23.77 5.19
CA PHE A 386 0.46 24.81 5.55
C PHE A 386 -0.09 25.77 6.59
N ALA A 387 -1.42 25.90 6.67
CA ALA A 387 -2.01 26.71 7.73
C ALA A 387 -1.92 26.00 9.08
N ILE A 388 -2.07 24.68 9.08
CA ILE A 388 -2.08 23.93 10.33
C ILE A 388 -0.67 23.65 10.83
N GLY A 389 0.31 23.53 9.93
CA GLY A 389 1.62 23.03 10.28
C GLY A 389 2.44 23.86 11.25
N PRO A 390 2.89 25.05 10.82
CA PRO A 390 3.89 25.77 11.64
C PRO A 390 3.32 26.40 12.89
N SER A 391 2.03 26.72 12.92
CA SER A 391 1.45 27.35 14.10
C SER A 391 1.28 26.36 15.24
N THR A 392 0.84 25.14 14.94
CA THR A 392 0.49 24.16 15.96
C THR A 392 1.48 23.01 16.09
N GLY A 393 2.52 22.97 15.25
CA GLY A 393 3.44 21.85 15.30
C GLY A 393 4.23 21.78 16.59
N GLY A 394 4.74 22.92 17.06
CA GLY A 394 5.47 22.93 18.31
C GLY A 394 4.60 22.56 19.50
N ALA A 395 3.36 23.06 19.53
CA ALA A 395 2.44 22.73 20.61
C ALA A 395 2.10 21.24 20.61
N ILE A 396 1.83 20.67 19.43
CA ILE A 396 1.50 19.25 19.37
C ILE A 396 2.70 18.39 19.73
N VAL A 397 3.90 18.82 19.34
CA VAL A 397 5.10 18.06 19.67
C VAL A 397 5.36 18.11 21.17
N LYS A 398 5.17 19.28 21.80
CA LYS A 398 5.34 19.37 23.24
C LYS A 398 4.27 18.59 23.99
N ALA A 399 3.07 18.47 23.41
CA ALA A 399 1.98 17.76 24.08
C ALA A 399 2.17 16.25 23.97
N ILE A 400 2.19 15.71 22.74
CA ILE A 400 2.22 14.27 22.55
C ILE A 400 3.59 13.77 22.12
N GLY A 401 4.35 14.52 21.34
CA GLY A 401 5.65 14.05 20.92
C GLY A 401 5.74 13.88 19.41
N PHE A 402 6.94 14.10 18.88
CA PHE A 402 7.17 14.01 17.45
C PHE A 402 6.97 12.60 16.88
N PRO A 403 7.57 11.54 17.43
CA PRO A 403 7.35 10.19 16.86
C PRO A 403 5.90 9.75 16.89
N TRP A 404 5.18 10.11 17.96
CA TRP A 404 3.75 9.83 17.98
C TRP A 404 3.02 10.58 16.87
N LEU A 405 3.37 11.85 16.67
CA LEU A 405 2.72 12.68 15.65
C LEU A 405 2.92 12.11 14.25
N MET A 406 4.15 11.68 13.94
CA MET A 406 4.34 10.98 12.67
C MET A 406 3.62 9.65 12.64
N VAL A 407 3.40 9.03 13.81
CA VAL A 407 2.59 7.81 13.86
C VAL A 407 1.15 8.10 13.42
N ILE A 408 0.54 9.17 13.93
CA ILE A 408 -0.82 9.47 13.48
C ILE A 408 -0.84 9.87 12.00
N THR A 409 0.19 10.58 11.55
CA THR A 409 0.22 11.00 10.15
C THR A 409 0.29 9.79 9.20
N GLY A 410 1.22 8.87 9.48
CA GLY A 410 1.32 7.66 8.66
C GLY A 410 0.09 6.78 8.78
N VAL A 411 -0.47 6.67 9.99
CA VAL A 411 -1.64 5.82 10.19
C VAL A 411 -2.85 6.37 9.45
N ILE A 412 -3.06 7.69 9.50
CA ILE A 412 -4.21 8.28 8.81
C ILE A 412 -4.04 8.18 7.31
N ASN A 413 -2.81 8.34 6.81
CA ASN A 413 -2.56 8.18 5.38
C ASN A 413 -2.86 6.74 4.92
N ILE A 414 -2.37 5.76 5.68
CA ILE A 414 -2.59 4.37 5.32
C ILE A 414 -4.07 4.00 5.40
N VAL A 415 -4.76 4.48 6.44
CA VAL A 415 -6.16 4.11 6.61
C VAL A 415 -7.04 4.77 5.56
N TYR A 416 -6.70 5.98 5.11
CA TYR A 416 -7.53 6.60 4.09
C TYR A 416 -7.11 6.16 2.69
N ALA A 417 -5.96 5.50 2.56
CA ALA A 417 -5.51 4.95 1.28
C ALA A 417 -6.52 4.05 0.57
N PRO A 418 -7.21 3.10 1.21
CA PRO A 418 -8.20 2.28 0.48
C PRO A 418 -9.38 3.07 -0.08
N LEU A 419 -9.63 4.29 0.40
CA LEU A 419 -10.73 5.09 -0.11
C LEU A 419 -10.50 5.61 -1.53
N CYS A 420 -9.29 5.49 -2.06
CA CYS A 420 -8.99 5.96 -3.41
C CYS A 420 -9.56 5.05 -4.49
N TYR A 421 -10.06 3.86 -4.13
CA TYR A 421 -10.69 2.99 -5.11
C TYR A 421 -12.02 3.53 -5.61
N TYR A 422 -12.62 4.48 -4.89
CA TYR A 422 -13.91 5.02 -5.26
C TYR A 422 -13.82 5.79 -6.59
N LEU A 423 -12.64 6.32 -6.89
CA LEU A 423 -12.43 7.12 -8.10
C LEU A 423 -12.11 6.27 -9.33
N ARG A 424 -12.26 4.94 -9.25
CA ARG A 424 -11.97 4.09 -10.40
C ARG A 424 -12.92 4.36 -11.56
N SER A 425 -14.20 4.58 -11.26
CA SER A 425 -15.18 4.84 -12.31
C SER A 425 -16.37 5.59 -11.75
N PRO A 426 -16.28 6.90 -11.58
CA PRO A 426 -17.44 7.68 -11.16
C PRO A 426 -18.48 7.73 -12.26
N PRO A 427 -19.72 7.32 -11.96
CA PRO A 427 -20.77 7.33 -12.99
C PRO A 427 -21.11 8.75 -13.43
N ALA A 428 -21.48 8.86 -14.70
CA ALA A 428 -21.81 10.16 -15.28
C ALA A 428 -23.17 10.63 -14.74
N LYS A 429 -23.56 11.83 -15.19
CA LYS A 429 -24.82 12.41 -14.77
C LYS A 429 -26.01 11.63 -15.31
N SER B 19 17.18 -45.04 8.56
CA SER B 19 18.34 -44.32 8.04
C SER B 19 18.08 -42.83 7.98
N ARG B 20 19.16 -42.04 7.99
CA ARG B 20 19.02 -40.58 7.94
C ARG B 20 18.41 -40.12 6.63
N GLN B 21 18.84 -40.69 5.51
CA GLN B 21 18.24 -40.34 4.23
C GLN B 21 16.82 -40.86 4.12
N LEU B 22 16.54 -42.04 4.69
CA LEU B 22 15.22 -42.63 4.59
C LEU B 22 14.18 -41.78 5.32
N VAL B 23 14.49 -41.33 6.53
CA VAL B 23 13.55 -40.53 7.30
C VAL B 23 13.31 -39.18 6.61
N LEU B 24 14.37 -38.58 6.07
CA LEU B 24 14.22 -37.31 5.37
C LEU B 24 13.35 -37.45 4.14
N VAL B 25 13.57 -38.52 3.36
CA VAL B 25 12.75 -38.73 2.17
C VAL B 25 11.31 -39.04 2.56
N VAL B 26 11.10 -39.74 3.68
CA VAL B 26 9.75 -40.06 4.13
C VAL B 26 9.00 -38.79 4.51
N VAL B 27 9.62 -37.93 5.32
CA VAL B 27 8.94 -36.69 5.73
C VAL B 27 8.75 -35.76 4.53
N PHE B 28 9.71 -35.76 3.59
CA PHE B 28 9.59 -34.90 2.41
C PHE B 28 8.41 -35.34 1.56
N VAL B 29 8.31 -36.64 1.28
CA VAL B 29 7.21 -37.09 0.44
C VAL B 29 5.88 -36.98 1.15
N ALA B 30 5.86 -37.14 2.49
CA ALA B 30 4.62 -36.97 3.22
C ALA B 30 4.13 -35.52 3.16
N LEU B 31 5.03 -34.55 3.38
CA LEU B 31 4.63 -33.16 3.30
C LEU B 31 4.23 -32.77 1.88
N LEU B 32 4.96 -33.29 0.90
CA LEU B 32 4.63 -33.02 -0.49
C LEU B 32 3.24 -33.58 -0.80
N LEU B 33 2.97 -34.80 -0.36
CA LEU B 33 1.67 -35.42 -0.63
C LEU B 33 0.54 -34.64 0.02
N ASP B 34 0.75 -34.15 1.25
CA ASP B 34 -0.27 -33.35 1.91
C ASP B 34 -0.54 -32.05 1.15
N ASN B 35 0.53 -31.36 0.75
CA ASN B 35 0.37 -30.12 0.00
C ASN B 35 -0.25 -30.38 -1.37
N MET B 36 0.11 -31.49 -2.01
CA MET B 36 -0.44 -31.83 -3.31
C MET B 36 -1.92 -32.14 -3.23
N LEU B 37 -2.34 -32.86 -2.18
CA LEU B 37 -3.76 -33.12 -2.00
C LEU B 37 -4.53 -31.86 -1.67
N PHE B 38 -3.92 -30.93 -0.95
CA PHE B 38 -4.58 -29.64 -0.72
C PHE B 38 -4.73 -28.88 -2.04
N THR B 39 -3.69 -28.86 -2.86
CA THR B 39 -3.69 -28.03 -4.06
C THR B 39 -4.45 -28.66 -5.23
N VAL B 40 -4.66 -29.98 -5.22
CA VAL B 40 -5.24 -30.64 -6.38
C VAL B 40 -6.77 -30.62 -6.39
N VAL B 41 -7.40 -30.22 -5.29
CA VAL B 41 -8.86 -30.22 -5.22
C VAL B 41 -9.46 -28.89 -5.64
N VAL B 42 -8.66 -27.84 -5.77
CA VAL B 42 -9.13 -26.50 -6.14
C VAL B 42 -9.79 -26.48 -7.52
N PRO B 43 -9.15 -26.95 -8.59
CA PRO B 43 -9.82 -26.95 -9.90
C PRO B 43 -10.61 -28.22 -10.22
N ILE B 44 -10.90 -29.06 -9.23
CA ILE B 44 -11.64 -30.30 -9.46
C ILE B 44 -13.03 -30.25 -8.83
N VAL B 45 -13.15 -29.70 -7.62
CA VAL B 45 -14.46 -29.62 -6.96
C VAL B 45 -15.43 -28.73 -7.71
N PRO B 46 -15.11 -27.46 -8.03
CA PRO B 46 -16.06 -26.65 -8.82
C PRO B 46 -16.33 -27.22 -10.20
N THR B 47 -15.34 -27.84 -10.84
CA THR B 47 -15.56 -28.43 -12.15
C THR B 47 -16.53 -29.60 -12.09
N PHE B 48 -16.40 -30.45 -11.06
CA PHE B 48 -17.35 -31.54 -10.87
C PHE B 48 -18.74 -30.98 -10.56
N LEU B 49 -18.81 -29.97 -9.69
CA LEU B 49 -20.12 -29.46 -9.29
C LEU B 49 -20.82 -28.73 -10.43
N TYR B 50 -20.05 -28.22 -11.39
CA TYR B 50 -20.66 -27.74 -12.64
C TYR B 50 -21.03 -28.90 -13.56
N ASP B 51 -20.22 -29.97 -13.56
CA ASP B 51 -20.42 -31.06 -14.49
C ASP B 51 -21.70 -31.86 -14.22
N MET B 52 -22.21 -31.81 -12.99
CA MET B 52 -23.42 -32.56 -12.65
C MET B 52 -24.63 -32.00 -13.40
N GLN B 72 -20.53 -19.63 -22.00
CA GLN B 72 -20.16 -20.92 -21.44
C GLN B 72 -21.42 -21.74 -21.16
N GLY B 73 -21.77 -21.83 -19.88
CA GLY B 73 -22.94 -22.56 -19.43
C GLY B 73 -23.84 -21.67 -18.59
N THR B 74 -24.57 -22.32 -17.69
CA THR B 74 -25.49 -21.62 -16.80
C THR B 74 -24.78 -21.25 -15.49
N GLY B 75 -25.18 -20.11 -14.94
CA GLY B 75 -24.61 -19.64 -13.69
C GLY B 75 -25.39 -20.14 -12.47
N PHE B 76 -25.54 -21.46 -12.36
CA PHE B 76 -26.29 -22.05 -11.27
C PHE B 76 -25.44 -22.27 -10.02
N LEU B 77 -24.12 -22.03 -10.09
CA LEU B 77 -23.23 -22.26 -8.97
C LEU B 77 -23.34 -21.21 -7.88
N GLU B 78 -24.11 -20.15 -8.08
CA GLU B 78 -24.32 -19.17 -7.02
C GLU B 78 -25.06 -19.77 -5.83
N GLU B 79 -25.92 -20.76 -6.09
CA GLU B 79 -26.61 -21.46 -5.01
C GLU B 79 -25.71 -22.44 -4.28
N GLU B 80 -24.61 -22.87 -4.89
CA GLU B 80 -23.74 -23.88 -4.33
C GLU B 80 -22.39 -23.33 -3.87
N ILE B 81 -22.15 -22.03 -4.04
CA ILE B 81 -20.87 -21.44 -3.64
C ILE B 81 -20.64 -21.56 -2.14
N THR B 82 -21.69 -21.37 -1.33
CA THR B 82 -21.53 -21.49 0.11
C THR B 82 -21.19 -22.92 0.53
N ARG B 83 -21.80 -23.92 -0.10
CA ARG B 83 -21.46 -25.30 0.19
C ARG B 83 -20.05 -25.62 -0.26
N VAL B 84 -19.63 -25.04 -1.40
CA VAL B 84 -18.26 -25.23 -1.87
C VAL B 84 -17.26 -24.67 -0.88
N GLY B 85 -17.54 -23.49 -0.32
CA GLY B 85 -16.66 -22.93 0.69
C GLY B 85 -16.65 -23.73 1.97
N VAL B 86 -17.81 -24.22 2.39
CA VAL B 86 -17.88 -24.99 3.63
C VAL B 86 -17.16 -26.31 3.49
N LEU B 87 -17.16 -26.90 2.28
CA LEU B 87 -16.36 -28.11 2.05
C LEU B 87 -14.87 -27.82 2.19
N PHE B 88 -14.43 -26.66 1.71
CA PHE B 88 -13.02 -26.29 1.84
C PHE B 88 -12.63 -26.06 3.29
N ALA B 89 -13.52 -25.45 4.07
CA ALA B 89 -13.21 -25.10 5.46
C ALA B 89 -13.13 -26.31 6.39
N SER B 90 -13.63 -27.47 5.96
CA SER B 90 -13.73 -28.63 6.84
C SER B 90 -12.36 -29.14 7.27
N LYS B 91 -11.39 -29.17 6.35
CA LYS B 91 -10.06 -29.66 6.67
C LYS B 91 -9.40 -28.78 7.72
N ALA B 92 -9.51 -27.46 7.56
CA ALA B 92 -8.93 -26.54 8.53
C ALA B 92 -9.62 -26.65 9.88
N VAL B 93 -10.94 -26.82 9.89
CA VAL B 93 -11.68 -26.95 11.14
C VAL B 93 -11.23 -28.20 11.89
N MET B 94 -11.16 -29.33 11.19
CA MET B 94 -10.77 -30.58 11.84
C MET B 94 -9.31 -30.53 12.30
N GLN B 95 -8.44 -29.90 11.50
CA GLN B 95 -7.04 -29.77 11.90
C GLN B 95 -6.89 -28.91 13.14
N LEU B 96 -7.66 -27.81 13.21
CA LEU B 96 -7.63 -26.96 14.39
C LEU B 96 -8.13 -27.71 15.62
N LEU B 97 -9.13 -28.56 15.43
CA LEU B 97 -9.60 -29.40 16.52
C LEU B 97 -8.57 -30.45 16.93
N VAL B 98 -7.72 -30.91 16.00
CA VAL B 98 -6.89 -32.09 16.27
C VAL B 98 -5.46 -31.76 16.70
N ASN B 99 -4.98 -30.53 16.46
CA ASN B 99 -3.64 -30.16 16.95
C ASN B 99 -3.40 -30.33 18.44
N PRO B 100 -4.29 -29.91 19.35
CA PRO B 100 -4.01 -30.14 20.79
C PRO B 100 -3.92 -31.60 21.19
N PHE B 101 -4.60 -32.50 20.47
CA PHE B 101 -4.65 -33.90 20.88
C PHE B 101 -3.39 -34.68 20.52
N VAL B 102 -2.73 -34.34 19.41
CA VAL B 102 -1.70 -35.21 18.82
C VAL B 102 -0.48 -35.36 19.72
N GLY B 103 -0.24 -34.40 20.61
CA GLY B 103 0.89 -34.44 21.51
C GLY B 103 0.92 -35.62 22.46
N PRO B 104 -0.18 -35.85 23.19
CA PRO B 104 -0.22 -37.02 24.10
C PRO B 104 -0.03 -38.37 23.43
N LEU B 105 -0.61 -38.61 22.26
CA LEU B 105 -0.40 -39.91 21.61
C LEU B 105 1.03 -40.06 21.14
N THR B 106 1.64 -38.99 20.63
CA THR B 106 3.04 -39.05 20.24
C THR B 106 3.95 -39.30 21.44
N ASN B 107 3.61 -38.71 22.58
CA ASN B 107 4.40 -38.95 23.79
C ASN B 107 4.24 -40.37 24.29
N ARG B 108 3.01 -40.88 24.33
CA ARG B 108 2.75 -42.18 24.94
C ARG B 108 3.31 -43.33 24.10
N ILE B 109 3.03 -43.33 22.81
CA ILE B 109 3.29 -44.51 21.98
C ILE B 109 4.30 -44.21 20.89
N GLY B 110 5.23 -43.30 21.15
CA GLY B 110 6.30 -43.04 20.21
C GLY B 110 5.82 -42.24 19.01
N TYR B 111 6.58 -42.38 17.91
CA TYR B 111 6.37 -41.60 16.71
C TYR B 111 6.01 -42.42 15.47
N HIS B 112 6.55 -43.63 15.35
CA HIS B 112 6.36 -44.41 14.13
C HIS B 112 4.91 -44.84 13.96
N ILE B 113 4.25 -45.23 15.05
CA ILE B 113 2.84 -45.63 14.97
C ILE B 113 1.93 -44.50 14.54
N PRO B 114 2.03 -43.28 15.10
CA PRO B 114 1.20 -42.17 14.59
C PRO B 114 1.46 -41.83 13.12
N MET B 115 2.69 -41.99 12.64
CA MET B 115 2.95 -41.70 11.24
C MET B 115 2.30 -42.72 10.31
N PHE B 116 2.18 -43.97 10.75
CA PHE B 116 1.55 -44.99 9.92
C PHE B 116 0.08 -44.70 9.69
N ALA B 117 -0.60 -44.11 10.69
CA ALA B 117 -1.98 -43.69 10.48
C ALA B 117 -2.08 -42.59 9.44
N GLY B 118 -1.05 -41.74 9.35
CA GLY B 118 -1.07 -40.67 8.35
C GLY B 118 -1.09 -41.21 6.94
N PHE B 119 -0.24 -42.20 6.66
CA PHE B 119 -0.19 -42.77 5.31
C PHE B 119 -1.49 -43.49 4.94
N VAL B 120 -2.07 -44.22 5.89
CA VAL B 120 -3.29 -44.97 5.58
C VAL B 120 -4.47 -44.02 5.37
N ILE B 121 -4.58 -42.99 6.21
CA ILE B 121 -5.65 -42.02 6.00
C ILE B 121 -5.43 -41.22 4.73
N MET B 122 -4.16 -40.97 4.36
CA MET B 122 -3.87 -40.32 3.09
C MET B 122 -4.31 -41.19 1.92
N PHE B 123 -4.07 -42.50 2.02
CA PHE B 123 -4.54 -43.44 1.00
C PHE B 123 -6.06 -43.43 0.91
N LEU B 124 -6.75 -43.41 2.05
CA LEU B 124 -8.21 -43.40 2.05
C LEU B 124 -8.74 -42.13 1.42
N SER B 125 -8.15 -40.98 1.76
CA SER B 125 -8.59 -39.72 1.16
C SER B 125 -8.32 -39.70 -0.34
N THR B 126 -7.17 -40.21 -0.77
CA THR B 126 -6.83 -40.23 -2.18
C THR B 126 -7.78 -41.12 -2.96
N VAL B 127 -8.10 -42.31 -2.44
CA VAL B 127 -9.00 -43.21 -3.15
C VAL B 127 -10.42 -42.65 -3.15
N MET B 128 -10.83 -42.03 -2.04
CA MET B 128 -12.19 -41.52 -1.94
C MET B 128 -12.40 -40.32 -2.84
N PHE B 129 -11.37 -39.48 -3.02
CA PHE B 129 -11.49 -38.36 -3.93
C PHE B 129 -11.62 -38.83 -5.38
N ALA B 130 -11.00 -39.95 -5.73
CA ALA B 130 -11.07 -40.42 -7.11
C ALA B 130 -12.41 -41.06 -7.42
N PHE B 131 -12.99 -41.77 -6.45
CA PHE B 131 -14.24 -42.50 -6.66
C PHE B 131 -15.47 -41.72 -6.19
N SER B 132 -15.30 -40.48 -5.77
CA SER B 132 -16.42 -39.72 -5.24
C SER B 132 -17.39 -39.33 -6.34
N GLY B 133 -18.68 -39.38 -6.03
CA GLY B 133 -19.72 -38.96 -6.95
C GLY B 133 -20.78 -38.10 -6.30
N THR B 134 -20.73 -37.99 -4.97
CA THR B 134 -21.73 -37.28 -4.19
C THR B 134 -21.08 -36.20 -3.35
N TYR B 135 -21.82 -35.13 -3.10
CA TYR B 135 -21.31 -34.01 -2.32
C TYR B 135 -21.01 -34.41 -0.88
N THR B 136 -21.76 -35.38 -0.34
CA THR B 136 -21.57 -35.80 1.04
C THR B 136 -20.22 -36.49 1.24
N LEU B 137 -19.79 -37.29 0.27
CA LEU B 137 -18.55 -38.04 0.41
C LEU B 137 -17.33 -37.13 0.41
N LEU B 138 -17.40 -36.00 -0.30
CA LEU B 138 -16.26 -35.09 -0.37
C LEU B 138 -15.97 -34.47 1.00
N PHE B 139 -17.00 -34.23 1.80
CA PHE B 139 -16.79 -33.73 3.16
C PHE B 139 -16.04 -34.74 4.01
N VAL B 140 -16.40 -36.02 3.88
CA VAL B 140 -15.70 -37.08 4.60
C VAL B 140 -14.25 -37.16 4.15
N ALA B 141 -14.03 -37.06 2.84
CA ALA B 141 -12.66 -37.09 2.30
C ALA B 141 -11.83 -35.92 2.82
N ARG B 142 -12.42 -34.73 2.86
CA ARG B 142 -11.72 -33.56 3.36
C ARG B 142 -11.39 -33.69 4.85
N THR B 143 -12.34 -34.22 5.63
CA THR B 143 -12.10 -34.41 7.07
C THR B 143 -10.99 -35.43 7.31
N LEU B 144 -11.01 -36.55 6.58
CA LEU B 144 -9.95 -37.53 6.72
C LEU B 144 -8.62 -36.96 6.26
N GLN B 145 -8.62 -36.13 5.21
CA GLN B 145 -7.40 -35.49 4.75
C GLN B 145 -6.84 -34.56 5.82
N GLY B 146 -7.70 -33.81 6.50
CA GLY B 146 -7.24 -32.95 7.57
C GLY B 146 -6.65 -33.71 8.74
N ILE B 147 -7.31 -34.79 9.15
CA ILE B 147 -6.80 -35.56 10.29
C ILE B 147 -5.48 -36.24 9.91
N GLY B 148 -5.37 -36.72 8.67
CA GLY B 148 -4.14 -37.32 8.22
C GLY B 148 -3.02 -36.32 8.10
N SER B 149 -3.33 -35.11 7.63
CA SER B 149 -2.31 -34.06 7.52
C SER B 149 -1.77 -33.67 8.88
N SER B 150 -2.67 -33.51 9.87
CA SER B 150 -2.22 -33.15 11.21
C SER B 150 -1.35 -34.25 11.83
N PHE B 151 -1.81 -35.50 11.73
CA PHE B 151 -1.07 -36.63 12.29
C PHE B 151 0.29 -36.79 11.59
N SER B 152 0.31 -36.70 10.26
CA SER B 152 1.53 -36.86 9.50
C SER B 152 2.52 -35.75 9.79
N SER B 153 2.04 -34.50 9.88
CA SER B 153 2.94 -33.38 10.16
C SER B 153 3.58 -33.53 11.54
N VAL B 154 2.77 -33.82 12.56
CA VAL B 154 3.29 -33.92 13.92
C VAL B 154 4.26 -35.10 14.04
N ALA B 155 3.86 -36.26 13.53
CA ALA B 155 4.71 -37.46 13.63
C ALA B 155 5.99 -37.30 12.83
N GLY B 156 5.91 -36.75 11.62
CA GLY B 156 7.11 -36.60 10.80
C GLY B 156 8.09 -35.61 11.39
N LEU B 157 7.60 -34.47 11.88
CA LEU B 157 8.53 -33.51 12.48
C LEU B 157 9.12 -34.04 13.77
N GLY B 158 8.34 -34.79 14.56
CA GLY B 158 8.90 -35.41 15.75
C GLY B 158 9.97 -36.44 15.44
N MET B 159 9.72 -37.27 14.42
CA MET B 159 10.72 -38.27 14.03
C MET B 159 11.97 -37.61 13.46
N LEU B 160 11.80 -36.54 12.69
CA LEU B 160 12.96 -35.82 12.16
C LEU B 160 13.78 -35.19 13.28
N ALA B 161 13.11 -34.62 14.28
CA ALA B 161 13.84 -34.05 15.41
C ALA B 161 14.56 -35.13 16.20
N SER B 162 13.91 -36.29 16.40
CA SER B 162 14.54 -37.34 17.20
C SER B 162 15.70 -37.99 16.47
N VAL B 163 15.60 -38.15 15.15
CA VAL B 163 16.62 -38.88 14.40
C VAL B 163 17.91 -38.07 14.34
N TYR B 164 17.82 -36.78 14.04
CA TYR B 164 18.98 -35.91 13.93
C TYR B 164 19.20 -35.21 15.26
N THR B 165 20.39 -35.41 15.84
CA THR B 165 20.71 -34.85 17.16
C THR B 165 22.04 -34.13 17.17
N ASP B 166 22.61 -33.83 16.00
CA ASP B 166 23.88 -33.12 15.92
C ASP B 166 23.74 -31.62 16.15
N ASP B 167 22.50 -31.10 16.18
CA ASP B 167 22.16 -29.71 16.43
C ASP B 167 22.48 -28.77 15.27
N HIS B 168 23.04 -29.28 14.17
CA HIS B 168 23.34 -28.43 13.02
C HIS B 168 22.76 -28.96 11.72
N GLU B 169 22.75 -30.28 11.53
CA GLU B 169 22.13 -30.85 10.34
C GLU B 169 20.61 -30.85 10.43
N ARG B 170 20.07 -30.64 11.63
CA ARG B 170 18.63 -30.54 11.81
C ARG B 170 18.06 -29.36 11.03
N GLY B 171 18.81 -28.27 10.94
CA GLY B 171 18.35 -27.12 10.17
C GLY B 171 18.20 -27.45 8.70
N ARG B 172 19.20 -28.12 8.12
CA ARG B 172 19.13 -28.52 6.71
C ARG B 172 18.01 -29.52 6.48
N ALA B 173 17.84 -30.48 7.40
CA ALA B 173 16.80 -31.49 7.27
C ALA B 173 15.41 -30.84 7.31
N MET B 174 15.19 -29.95 8.29
CA MET B 174 13.91 -29.26 8.35
C MET B 174 13.71 -28.34 7.15
N GLY B 175 14.80 -27.76 6.63
CA GLY B 175 14.67 -26.90 5.47
C GLY B 175 14.21 -27.66 4.24
N THR B 176 14.82 -28.82 3.97
CA THR B 176 14.39 -29.62 2.82
C THR B 176 12.98 -30.16 3.03
N ALA B 177 12.66 -30.56 4.27
CA ALA B 177 11.31 -31.07 4.55
C ALA B 177 10.24 -30.01 4.31
N LEU B 178 10.51 -28.77 4.73
CA LEU B 178 9.55 -27.70 4.51
C LEU B 178 9.52 -27.25 3.05
N GLY B 179 10.66 -27.28 2.36
CA GLY B 179 10.68 -26.95 0.95
C GLY B 179 9.98 -27.97 0.07
N GLY B 180 9.84 -29.21 0.57
CA GLY B 180 8.99 -30.17 -0.12
C GLY B 180 7.56 -29.69 -0.26
N LEU B 181 7.05 -29.00 0.75
CA LEU B 181 5.71 -28.42 0.67
C LEU B 181 5.62 -27.38 -0.43
N ALA B 182 6.63 -26.51 -0.55
CA ALA B 182 6.61 -25.49 -1.60
C ALA B 182 6.70 -26.12 -2.98
N LEU B 183 7.54 -27.15 -3.14
CA LEU B 183 7.64 -27.84 -4.42
C LEU B 183 6.33 -28.52 -4.79
N GLY B 184 5.68 -29.17 -3.82
CA GLY B 184 4.39 -29.77 -4.09
C GLY B 184 3.32 -28.74 -4.41
N LEU B 185 3.38 -27.58 -3.76
CA LEU B 185 2.45 -26.50 -4.07
C LEU B 185 2.65 -26.00 -5.48
N LEU B 186 3.90 -25.89 -5.92
CA LEU B 186 4.18 -25.49 -7.30
C LEU B 186 3.64 -26.52 -8.29
N VAL B 187 3.83 -27.81 -7.99
CA VAL B 187 3.48 -28.85 -8.95
C VAL B 187 1.99 -29.22 -8.96
N GLY B 188 1.28 -29.02 -7.85
CA GLY B 188 -0.06 -29.57 -7.72
C GLY B 188 -1.18 -28.89 -8.46
N ALA B 189 -1.21 -27.56 -8.45
CA ALA B 189 -2.32 -26.79 -9.00
C ALA B 189 -2.55 -27.00 -10.49
N PRO B 190 -1.55 -26.86 -11.35
CA PRO B 190 -1.78 -27.22 -12.78
C PRO B 190 -2.02 -28.70 -13.00
N PHE B 191 -1.59 -29.57 -12.07
CA PHE B 191 -1.79 -31.01 -12.23
C PHE B 191 -3.26 -31.38 -12.28
N GLY B 192 -4.05 -30.85 -11.34
CA GLY B 192 -5.45 -31.22 -11.27
C GLY B 192 -6.25 -30.71 -12.45
N SER B 193 -5.93 -29.49 -12.91
CA SER B 193 -6.66 -28.90 -14.04
C SER B 193 -6.11 -29.36 -15.38
N VAL B 194 -5.05 -30.15 -15.41
CA VAL B 194 -4.50 -30.69 -16.65
C VAL B 194 -4.81 -32.16 -16.81
N MET B 195 -4.98 -32.89 -15.69
CA MET B 195 -5.34 -34.30 -15.81
C MET B 195 -6.85 -34.52 -15.84
N TYR B 196 -7.65 -33.52 -15.48
CA TYR B 196 -9.10 -33.72 -15.49
C TYR B 196 -9.63 -33.75 -16.91
N GLU B 197 -9.19 -32.83 -17.76
CA GLU B 197 -9.71 -32.70 -19.11
C GLU B 197 -8.97 -33.54 -20.13
N PHE B 198 -7.86 -34.18 -19.75
CA PHE B 198 -7.06 -34.97 -20.68
C PHE B 198 -7.09 -36.46 -20.36
N VAL B 199 -6.91 -36.83 -19.09
CA VAL B 199 -6.89 -38.24 -18.71
C VAL B 199 -8.24 -38.62 -18.11
N GLY B 200 -8.62 -37.97 -17.03
CA GLY B 200 -9.87 -38.25 -16.36
C GLY B 200 -9.93 -37.62 -14.99
N LYS B 201 -11.11 -37.65 -14.35
CA LYS B 201 -11.24 -37.06 -13.02
C LYS B 201 -10.43 -37.81 -11.98
N SER B 202 -10.50 -39.15 -12.01
CA SER B 202 -9.90 -39.96 -10.96
C SER B 202 -8.40 -40.14 -11.13
N ALA B 203 -7.86 -39.85 -12.33
CA ALA B 203 -6.46 -40.16 -12.63
C ALA B 203 -5.46 -39.44 -11.73
N PRO B 204 -5.55 -38.13 -11.50
CA PRO B 204 -4.63 -37.50 -10.54
C PRO B 204 -4.74 -38.05 -9.13
N PHE B 205 -5.96 -38.41 -8.70
CA PHE B 205 -6.10 -38.99 -7.37
C PHE B 205 -5.48 -40.39 -7.30
N LEU B 206 -5.63 -41.18 -8.37
CA LEU B 206 -4.95 -42.48 -8.41
C LEU B 206 -3.45 -42.31 -8.40
N ILE B 207 -2.92 -41.32 -9.12
CA ILE B 207 -1.48 -41.11 -9.14
C ILE B 207 -0.98 -40.66 -7.77
N LEU B 208 -1.74 -39.79 -7.09
CA LEU B 208 -1.37 -39.37 -5.75
C LEU B 208 -1.39 -40.53 -4.77
N ALA B 209 -2.42 -41.39 -4.87
CA ALA B 209 -2.48 -42.56 -4.01
C ALA B 209 -1.33 -43.52 -4.28
N PHE B 210 -0.98 -43.69 -5.55
CA PHE B 210 0.15 -44.55 -5.91
C PHE B 210 1.47 -43.98 -5.39
N LEU B 211 1.62 -42.66 -5.45
CA LEU B 211 2.82 -42.02 -4.90
C LEU B 211 2.88 -42.20 -3.40
N ALA B 212 1.73 -42.10 -2.72
CA ALA B 212 1.69 -42.34 -1.28
C ALA B 212 2.04 -43.79 -0.96
N LEU B 213 1.60 -44.72 -1.82
CA LEU B 213 1.85 -46.14 -1.57
C LEU B 213 3.33 -46.49 -1.64
N LEU B 214 4.11 -45.71 -2.41
CA LEU B 214 5.55 -45.97 -2.52
C LEU B 214 6.24 -45.77 -1.18
N ASP B 215 5.76 -44.81 -0.38
CA ASP B 215 6.40 -44.54 0.90
C ASP B 215 6.08 -45.60 1.93
N GLY B 216 4.98 -46.34 1.76
CA GLY B 216 4.63 -47.39 2.70
C GLY B 216 5.65 -48.50 2.75
N ALA B 217 6.19 -48.88 1.58
CA ALA B 217 7.29 -49.84 1.56
C ALA B 217 8.53 -49.26 2.24
N LEU B 218 8.84 -47.99 1.95
CA LEU B 218 9.94 -47.34 2.64
C LEU B 218 9.63 -47.14 4.12
N GLN B 219 8.39 -46.74 4.44
CA GLN B 219 8.03 -46.54 5.83
C GLN B 219 7.91 -47.84 6.59
N LEU B 220 7.60 -48.94 5.89
CA LEU B 220 7.56 -50.24 6.55
C LEU B 220 8.92 -50.66 7.05
N CYS B 221 9.97 -50.40 6.26
CA CYS B 221 11.34 -50.69 6.68
C CYS B 221 11.91 -49.49 7.43
N ILE B 222 11.38 -49.30 8.64
CA ILE B 222 11.82 -48.24 9.54
C ILE B 222 12.20 -48.86 10.88
N LEU B 223 13.37 -48.47 11.39
CA LEU B 223 13.89 -49.00 12.65
C LEU B 223 14.11 -50.51 12.57
N LYS B 234 11.05 -29.47 26.46
CA LYS B 234 9.63 -29.59 26.76
C LYS B 234 9.19 -28.51 27.74
N GLY B 235 8.51 -27.49 27.23
CA GLY B 235 8.02 -26.42 28.07
C GLY B 235 7.41 -25.33 27.22
N THR B 236 6.75 -24.40 27.90
CA THR B 236 6.09 -23.25 27.27
C THR B 236 5.04 -23.72 26.26
N PRO B 237 3.91 -24.24 26.73
CA PRO B 237 2.87 -24.74 25.82
C PRO B 237 2.27 -23.61 24.99
N LEU B 238 1.56 -24.02 23.94
CA LEU B 238 1.07 -23.07 22.93
C LEU B 238 0.06 -22.09 23.51
N PHE B 239 -0.83 -22.57 24.39
CA PHE B 239 -1.82 -21.68 24.98
C PHE B 239 -1.19 -20.64 25.89
N MET B 240 -0.01 -20.92 26.46
CA MET B 240 0.70 -19.92 27.23
C MET B 240 1.40 -18.92 26.32
N LEU B 241 1.87 -19.37 25.15
CA LEU B 241 2.65 -18.50 24.27
C LEU B 241 1.79 -17.47 23.57
N LEU B 242 0.51 -17.74 23.41
CA LEU B 242 -0.38 -16.83 22.69
C LEU B 242 -0.92 -15.71 23.57
N LYS B 243 -0.54 -15.66 24.84
CA LYS B 243 -1.07 -14.64 25.73
C LYS B 243 -0.51 -13.25 25.43
N ASP B 244 0.83 -13.13 25.18
CA ASP B 244 1.37 -11.80 24.97
C ASP B 244 0.95 -11.23 23.62
N PRO B 245 0.91 -9.91 23.49
CA PRO B 245 0.43 -9.30 22.24
C PRO B 245 1.45 -9.31 21.12
N TYR B 246 2.75 -9.42 21.44
CA TYR B 246 3.77 -9.47 20.39
C TYR B 246 3.65 -10.71 19.52
N ILE B 247 3.22 -11.83 20.10
CA ILE B 247 3.02 -13.06 19.34
C ILE B 247 1.65 -13.08 18.67
N LEU B 248 0.64 -12.51 19.34
CA LEU B 248 -0.70 -12.46 18.77
C LEU B 248 -0.72 -11.58 17.52
N VAL B 249 -0.01 -10.44 17.56
CA VAL B 249 0.06 -9.58 16.38
C VAL B 249 0.77 -10.29 15.24
N ALA B 250 1.81 -11.06 15.56
CA ALA B 250 2.53 -11.83 14.55
C ALA B 250 1.62 -12.86 13.89
N ALA B 251 0.90 -13.63 14.71
CA ALA B 251 0.01 -14.66 14.18
C ALA B 251 -1.12 -14.04 13.37
N GLY B 252 -1.65 -12.91 13.84
CA GLY B 252 -2.69 -12.23 13.09
C GLY B 252 -2.20 -11.69 11.76
N SER B 253 -0.96 -11.17 11.73
CA SER B 253 -0.39 -10.69 10.49
C SER B 253 -0.20 -11.82 9.48
N ILE B 254 0.32 -12.96 9.94
CA ILE B 254 0.52 -14.10 9.04
C ILE B 254 -0.82 -14.62 8.54
N CYS B 255 -1.80 -14.73 9.44
CA CYS B 255 -3.12 -15.23 9.07
C CYS B 255 -3.81 -14.30 8.09
N PHE B 256 -3.72 -12.99 8.31
CA PHE B 256 -4.37 -12.05 7.40
C PHE B 256 -3.64 -11.99 6.06
N ALA B 257 -2.32 -12.18 6.06
CA ALA B 257 -1.59 -12.24 4.80
C ALA B 257 -1.99 -13.46 3.98
N ASN B 258 -2.10 -14.63 4.62
CA ASN B 258 -2.49 -15.83 3.90
C ASN B 258 -3.98 -15.92 3.63
N MET B 259 -4.79 -15.10 4.30
CA MET B 259 -6.23 -15.12 4.07
C MET B 259 -6.61 -14.68 2.67
N GLY B 260 -5.76 -13.88 2.01
CA GLY B 260 -6.05 -13.53 0.63
C GLY B 260 -6.06 -14.74 -0.29
N VAL B 261 -5.03 -15.57 -0.21
CA VAL B 261 -5.02 -16.79 -1.00
C VAL B 261 -6.06 -17.77 -0.49
N ALA B 262 -6.34 -17.75 0.82
CA ALA B 262 -7.34 -18.65 1.38
C ALA B 262 -8.74 -18.36 0.83
N ILE B 263 -9.07 -17.08 0.67
CA ILE B 263 -10.35 -16.72 0.09
C ILE B 263 -10.32 -16.80 -1.44
N LEU B 264 -9.15 -16.62 -2.05
CA LEU B 264 -9.04 -16.72 -3.50
C LEU B 264 -9.12 -18.16 -3.99
N GLU B 265 -8.82 -19.13 -3.14
CA GLU B 265 -8.95 -20.54 -3.54
C GLU B 265 -10.37 -20.93 -3.92
N PRO B 266 -11.37 -20.83 -3.03
CA PRO B 266 -12.67 -21.44 -3.33
C PRO B 266 -13.51 -20.69 -4.35
N THR B 267 -13.30 -19.39 -4.55
CA THR B 267 -14.21 -18.60 -5.39
C THR B 267 -13.61 -18.13 -6.70
N LEU B 268 -12.28 -18.18 -6.87
CA LEU B 268 -11.69 -17.75 -8.13
C LEU B 268 -12.10 -18.59 -9.33
N PRO B 269 -12.09 -19.94 -9.28
CA PRO B 269 -12.54 -20.71 -10.45
C PRO B 269 -13.99 -20.47 -10.86
N ILE B 270 -14.90 -20.35 -9.89
CA ILE B 270 -16.31 -20.14 -10.22
C ILE B 270 -16.51 -18.79 -10.90
N TRP B 271 -15.90 -17.75 -10.33
CA TRP B 271 -15.89 -16.44 -10.97
C TRP B 271 -15.25 -16.49 -12.35
N MET B 272 -14.21 -17.31 -12.50
CA MET B 272 -13.49 -17.42 -13.76
C MET B 272 -14.39 -17.95 -14.86
N MET B 273 -15.04 -19.09 -14.61
CA MET B 273 -15.97 -19.66 -15.58
C MET B 273 -17.18 -18.75 -15.79
N GLN B 274 -17.60 -18.03 -14.76
CA GLN B 274 -18.77 -17.17 -14.90
C GLN B 274 -18.47 -15.96 -15.78
N THR B 275 -17.26 -15.41 -15.70
CA THR B 275 -17.03 -14.10 -16.30
C THR B 275 -16.17 -14.09 -17.55
N MET B 276 -15.24 -15.03 -17.74
CA MET B 276 -14.44 -14.99 -18.97
C MET B 276 -14.43 -16.26 -19.81
N CYS B 277 -15.12 -17.32 -19.38
CA CYS B 277 -15.46 -18.44 -20.27
C CYS B 277 -14.23 -19.22 -20.73
N SER B 278 -13.15 -19.19 -19.96
CA SER B 278 -11.95 -19.91 -20.34
C SER B 278 -12.19 -21.42 -20.24
N PRO B 279 -11.45 -22.22 -21.02
CA PRO B 279 -11.57 -23.67 -20.90
C PRO B 279 -11.10 -24.16 -19.54
N LYS B 280 -11.46 -25.40 -19.23
CA LYS B 280 -11.30 -25.93 -17.88
C LYS B 280 -9.85 -26.18 -17.49
N TRP B 281 -8.89 -26.10 -18.42
CA TRP B 281 -7.50 -26.43 -18.13
C TRP B 281 -6.63 -25.20 -17.86
N GLN B 282 -7.22 -24.00 -17.80
CA GLN B 282 -6.51 -22.80 -17.37
C GLN B 282 -6.58 -22.55 -15.87
N LEU B 283 -7.49 -23.23 -15.16
CA LEU B 283 -7.71 -22.91 -13.75
C LEU B 283 -6.49 -23.25 -12.90
N GLY B 284 -5.89 -24.41 -13.13
CA GLY B 284 -4.68 -24.75 -12.40
C GLY B 284 -3.51 -23.85 -12.75
N LEU B 285 -3.38 -23.51 -14.03
CA LEU B 285 -2.27 -22.66 -14.47
C LEU B 285 -2.43 -21.24 -13.95
N ALA B 286 -3.66 -20.81 -13.68
CA ALA B 286 -3.89 -19.43 -13.23
C ALA B 286 -3.29 -19.17 -11.86
N PHE B 287 -3.26 -20.17 -10.99
CA PHE B 287 -2.64 -20.04 -9.68
C PHE B 287 -1.15 -20.34 -9.72
N LEU B 288 -0.63 -20.73 -10.88
CA LEU B 288 0.81 -20.93 -11.02
C LEU B 288 1.64 -19.69 -10.73
N PRO B 289 1.27 -18.49 -11.21
CA PRO B 289 2.01 -17.28 -10.76
C PRO B 289 1.96 -17.06 -9.27
N ALA B 290 0.84 -17.40 -8.62
CA ALA B 290 0.73 -17.21 -7.17
C ALA B 290 1.69 -18.11 -6.39
N SER B 291 2.13 -19.21 -6.98
CA SER B 291 3.13 -20.07 -6.35
C SER B 291 4.55 -19.69 -6.76
N VAL B 292 4.77 -19.41 -8.06
CA VAL B 292 6.10 -19.09 -8.54
C VAL B 292 6.60 -17.79 -7.92
N SER B 293 5.75 -16.75 -7.92
CA SER B 293 6.12 -15.50 -7.29
C SER B 293 6.33 -15.67 -5.79
N TYR B 294 5.60 -16.60 -5.17
CA TYR B 294 5.84 -16.90 -3.76
C TYR B 294 7.23 -17.48 -3.55
N LEU B 295 7.67 -18.39 -4.43
CA LEU B 295 9.01 -18.96 -4.28
C LEU B 295 10.10 -17.91 -4.45
N ILE B 296 9.99 -17.07 -5.49
CA ILE B 296 10.98 -16.03 -5.70
C ILE B 296 10.97 -15.04 -4.53
N GLY B 297 9.78 -14.70 -4.04
CA GLY B 297 9.68 -13.78 -2.93
C GLY B 297 10.30 -14.33 -1.66
N THR B 298 10.00 -15.59 -1.34
CA THR B 298 10.53 -16.17 -0.10
C THR B 298 12.05 -16.30 -0.17
N ASN B 299 12.59 -16.74 -1.31
CA ASN B 299 14.05 -16.84 -1.43
C ASN B 299 14.72 -15.47 -1.35
N LEU B 300 14.28 -14.52 -2.18
CA LEU B 300 14.93 -13.22 -2.25
C LEU B 300 14.79 -12.44 -0.94
N PHE B 301 13.62 -12.48 -0.32
CA PHE B 301 13.43 -11.70 0.89
C PHE B 301 13.92 -12.42 2.14
N GLY B 302 14.02 -13.75 2.14
CA GLY B 302 14.81 -14.39 3.17
C GLY B 302 16.27 -14.00 3.08
N VAL B 303 16.77 -13.77 1.87
CA VAL B 303 18.12 -13.25 1.72
C VAL B 303 18.22 -11.81 2.23
N LEU B 304 17.24 -10.96 1.86
CA LEU B 304 17.42 -9.52 1.93
C LEU B 304 16.70 -8.81 3.08
N ALA B 305 15.83 -9.50 3.83
CA ALA B 305 14.95 -8.78 4.76
C ALA B 305 15.68 -8.28 5.99
N ASN B 306 16.71 -9.00 6.44
CA ASN B 306 17.41 -8.60 7.65
C ASN B 306 18.19 -7.30 7.49
N LYS B 307 18.57 -6.95 6.27
CA LYS B 307 19.27 -5.69 6.05
C LYS B 307 18.33 -4.50 6.15
N MET B 308 17.13 -4.60 5.57
CA MET B 308 16.20 -3.49 5.51
C MET B 308 15.21 -3.45 6.67
N GLY B 309 15.19 -4.47 7.51
CA GLY B 309 14.28 -4.50 8.64
C GLY B 309 13.11 -5.43 8.43
N ARG B 310 12.81 -6.26 9.44
CA ARG B 310 11.73 -7.22 9.32
C ARG B 310 10.37 -6.55 9.28
N TRP B 311 10.17 -5.53 10.12
CA TRP B 311 8.84 -4.91 10.21
C TRP B 311 8.49 -4.15 8.94
N LEU B 312 9.47 -3.51 8.30
CA LEU B 312 9.21 -2.83 7.04
C LEU B 312 8.85 -3.83 5.95
N CYS B 313 9.53 -4.98 5.92
CA CYS B 313 9.20 -6.02 4.95
C CYS B 313 7.79 -6.56 5.18
N SER B 314 7.41 -6.75 6.45
CA SER B 314 6.06 -7.22 6.76
C SER B 314 5.01 -6.20 6.33
N LEU B 315 5.26 -4.92 6.60
CA LEU B 315 4.31 -3.88 6.23
C LEU B 315 4.18 -3.78 4.71
N ILE B 316 5.29 -3.84 3.99
CA ILE B 316 5.25 -3.74 2.53
C ILE B 316 4.55 -4.96 1.95
N GLY B 317 4.80 -6.15 2.50
CA GLY B 317 4.12 -7.34 2.02
C GLY B 317 2.63 -7.29 2.26
N MET B 318 2.21 -6.80 3.43
CA MET B 318 0.78 -6.67 3.72
C MET B 318 0.12 -5.67 2.78
N LEU B 319 0.78 -4.54 2.53
CA LEU B 319 0.22 -3.55 1.62
C LEU B 319 0.15 -4.07 0.20
N VAL B 320 1.17 -4.82 -0.24
CA VAL B 320 1.13 -5.38 -1.59
C VAL B 320 0.06 -6.44 -1.70
N VAL B 321 -0.17 -7.22 -0.64
CA VAL B 321 -1.27 -8.18 -0.61
C VAL B 321 -2.59 -7.47 -0.78
N GLY B 322 -2.78 -6.37 -0.05
CA GLY B 322 -4.02 -5.62 -0.14
C GLY B 322 -4.25 -5.04 -1.52
N THR B 323 -3.21 -4.43 -2.10
CA THR B 323 -3.36 -3.84 -3.43
C THR B 323 -3.55 -4.90 -4.51
N SER B 324 -2.89 -6.05 -4.37
CA SER B 324 -3.06 -7.12 -5.36
C SER B 324 -4.45 -7.71 -5.29
N LEU B 325 -4.97 -7.95 -4.08
CA LEU B 325 -6.34 -8.43 -3.94
C LEU B 325 -7.35 -7.41 -4.42
N LEU B 326 -7.03 -6.12 -4.27
CA LEU B 326 -7.94 -5.09 -4.76
C LEU B 326 -7.96 -5.05 -6.28
N CYS B 327 -6.81 -5.24 -6.93
CA CYS B 327 -6.72 -5.17 -8.37
C CYS B 327 -7.03 -6.49 -9.07
N VAL B 328 -7.17 -7.59 -8.31
CA VAL B 328 -7.51 -8.88 -8.93
C VAL B 328 -8.84 -8.89 -9.65
N PRO B 329 -9.98 -8.44 -9.05
CA PRO B 329 -11.26 -8.65 -9.74
C PRO B 329 -11.59 -7.65 -10.84
N LEU B 330 -10.60 -6.89 -11.32
CA LEU B 330 -10.80 -5.97 -12.43
C LEU B 330 -10.38 -6.56 -13.78
N ALA B 331 -9.91 -7.81 -13.81
CA ALA B 331 -9.45 -8.41 -15.05
C ALA B 331 -10.61 -8.83 -15.93
N HIS B 332 -10.44 -8.68 -17.25
CA HIS B 332 -11.43 -9.10 -18.22
C HIS B 332 -10.98 -10.29 -19.07
N ASN B 333 -9.93 -10.98 -18.63
CA ASN B 333 -9.41 -12.14 -19.34
C ASN B 333 -8.39 -12.81 -18.45
N ILE B 334 -8.01 -14.04 -18.82
CA ILE B 334 -7.05 -14.81 -18.04
C ILE B 334 -5.69 -14.13 -18.02
N PHE B 335 -5.33 -13.45 -19.11
CA PHE B 335 -4.04 -12.79 -19.18
C PHE B 335 -3.94 -11.56 -18.30
N GLY B 336 -5.07 -11.06 -17.76
CA GLY B 336 -5.01 -9.97 -16.81
C GLY B 336 -4.66 -10.38 -15.40
N LEU B 337 -4.72 -11.68 -15.09
CA LEU B 337 -4.50 -12.16 -13.74
C LEU B 337 -3.05 -12.53 -13.43
N ILE B 338 -2.16 -12.56 -14.44
CA ILE B 338 -0.77 -12.87 -14.15
C ILE B 338 -0.09 -11.76 -13.38
N GLY B 339 -0.59 -10.53 -13.48
CA GLY B 339 -0.03 -9.41 -12.74
C GLY B 339 -0.43 -9.41 -11.28
N PRO B 340 -1.74 -9.28 -11.01
CA PRO B 340 -2.21 -9.29 -9.62
C PRO B 340 -1.90 -10.57 -8.86
N ASN B 341 -1.98 -11.72 -9.50
CA ASN B 341 -1.64 -12.97 -8.83
C ASN B 341 -0.15 -13.03 -8.50
N ALA B 342 0.70 -12.57 -9.42
CA ALA B 342 2.12 -12.52 -9.15
C ALA B 342 2.44 -11.57 -8.01
N GLY B 343 1.77 -10.41 -7.98
CA GLY B 343 1.97 -9.48 -6.88
C GLY B 343 1.51 -10.05 -5.55
N LEU B 344 0.37 -10.75 -5.55
CA LEU B 344 -0.11 -11.38 -4.32
C LEU B 344 0.84 -12.46 -3.84
N GLY B 345 1.37 -13.28 -4.76
CA GLY B 345 2.34 -14.28 -4.37
C GLY B 345 3.62 -13.68 -3.84
N LEU B 346 4.11 -12.61 -4.47
CA LEU B 346 5.31 -11.94 -4.01
C LEU B 346 5.11 -11.33 -2.62
N ALA B 347 3.95 -10.71 -2.39
CA ALA B 347 3.70 -10.10 -1.10
C ALA B 347 3.52 -11.15 0.00
N ILE B 348 2.87 -12.28 -0.33
CA ILE B 348 2.73 -13.35 0.65
C ILE B 348 4.09 -13.96 0.96
N GLY B 349 4.96 -14.07 -0.05
CA GLY B 349 6.32 -14.51 0.21
C GLY B 349 7.07 -13.53 1.09
N MET B 350 6.85 -12.23 0.88
CA MET B 350 7.41 -11.19 1.73
C MET B 350 7.01 -11.40 3.18
N VAL B 351 5.70 -11.56 3.42
CA VAL B 351 5.18 -11.70 4.78
C VAL B 351 5.70 -12.98 5.42
N ASP B 352 5.65 -14.10 4.69
CA ASP B 352 6.08 -15.37 5.25
C ASP B 352 7.57 -15.40 5.53
N SER B 353 8.39 -14.80 4.67
CA SER B 353 9.84 -14.79 4.89
C SER B 353 10.25 -13.80 5.97
N SER B 354 9.49 -12.71 6.15
CA SER B 354 9.89 -11.69 7.09
C SER B 354 9.33 -11.92 8.49
N MET B 355 8.15 -12.52 8.62
CA MET B 355 7.50 -12.59 9.92
C MET B 355 7.89 -13.82 10.71
N MET B 356 8.29 -14.90 10.03
CA MET B 356 8.78 -16.09 10.73
C MET B 356 10.03 -15.82 11.56
N PRO B 357 11.06 -15.14 11.05
CA PRO B 357 12.17 -14.74 11.93
C PRO B 357 11.74 -13.82 13.06
N ILE B 358 10.74 -12.97 12.84
CA ILE B 358 10.23 -12.12 13.91
C ILE B 358 9.59 -12.98 15.00
N MET B 359 8.81 -13.99 14.60
CA MET B 359 8.25 -14.92 15.56
C MET B 359 9.32 -15.68 16.31
N GLY B 360 10.38 -16.09 15.60
CA GLY B 360 11.47 -16.80 16.24
C GLY B 360 12.18 -15.96 17.29
N HIS B 361 12.49 -14.70 16.94
CA HIS B 361 13.13 -13.80 17.89
C HIS B 361 12.22 -13.50 19.07
N LEU B 362 10.92 -13.31 18.81
CA LEU B 362 9.99 -13.01 19.89
C LEU B 362 9.84 -14.19 20.84
N VAL B 363 9.76 -15.40 20.30
CA VAL B 363 9.61 -16.58 21.15
C VAL B 363 10.92 -16.89 21.88
N ASP B 364 12.06 -16.52 21.30
CA ASP B 364 13.33 -16.81 21.94
C ASP B 364 13.66 -15.77 23.00
N LEU B 365 13.18 -14.54 22.85
CA LEU B 365 13.59 -13.46 23.74
C LEU B 365 12.99 -13.63 25.13
N ARG B 366 11.70 -13.94 25.20
CA ARG B 366 10.99 -13.97 26.47
C ARG B 366 10.68 -15.36 27.00
N HIS B 367 10.55 -16.36 26.14
CA HIS B 367 10.13 -17.69 26.56
C HIS B 367 11.16 -18.71 26.08
N THR B 368 11.02 -19.93 26.58
CA THR B 368 11.87 -21.04 26.18
C THR B 368 11.24 -21.73 24.97
N SER B 369 12.01 -21.83 23.89
CA SER B 369 11.49 -22.34 22.62
C SER B 369 12.05 -23.73 22.34
N VAL B 370 11.33 -24.46 21.49
CA VAL B 370 11.79 -25.76 20.99
C VAL B 370 11.87 -25.66 19.48
N TYR B 371 12.21 -26.77 18.81
CA TYR B 371 12.35 -26.76 17.36
C TYR B 371 11.02 -26.47 16.67
N GLY B 372 9.90 -26.89 17.27
CA GLY B 372 8.60 -26.70 16.66
C GLY B 372 7.78 -25.59 17.28
N SER B 373 8.41 -24.74 18.10
CA SER B 373 7.68 -23.64 18.72
C SER B 373 7.18 -22.64 17.69
N VAL B 374 8.06 -22.22 16.78
CA VAL B 374 7.65 -21.32 15.71
C VAL B 374 6.72 -22.05 14.74
N TYR B 375 6.99 -23.34 14.50
CA TYR B 375 6.11 -24.14 13.65
C TYR B 375 4.73 -24.29 14.26
N ALA B 376 4.65 -24.54 15.56
CA ALA B 376 3.37 -24.74 16.22
C ALA B 376 2.52 -23.47 16.21
N ILE B 377 3.14 -22.33 16.53
CA ILE B 377 2.41 -21.07 16.50
C ILE B 377 2.05 -20.69 15.07
N ALA B 378 2.95 -20.95 14.13
CA ALA B 378 2.66 -20.64 12.73
C ALA B 378 1.54 -21.51 12.19
N ASP B 379 1.49 -22.78 12.59
CA ASP B 379 0.45 -23.67 12.12
C ASP B 379 -0.93 -23.24 12.61
N VAL B 380 -0.99 -22.59 13.77
CA VAL B 380 -2.27 -22.06 14.26
C VAL B 380 -2.75 -20.94 13.35
N ALA B 381 -1.83 -20.14 12.81
CA ALA B 381 -2.23 -19.03 11.94
C ALA B 381 -2.80 -19.54 10.62
N PHE B 382 -2.11 -20.50 9.99
CA PHE B 382 -2.59 -21.04 8.73
C PHE B 382 -3.91 -21.78 8.90
N CYS B 383 -4.05 -22.53 10.00
CA CYS B 383 -5.29 -23.25 10.25
C CYS B 383 -6.45 -22.28 10.50
N MET B 384 -6.20 -21.21 11.27
CA MET B 384 -7.21 -20.17 11.47
C MET B 384 -7.62 -19.54 10.16
N GLY B 385 -6.63 -19.21 9.31
CA GLY B 385 -6.93 -18.56 8.05
C GLY B 385 -7.72 -19.46 7.12
N PHE B 386 -7.29 -20.72 6.99
CA PHE B 386 -7.98 -21.64 6.09
C PHE B 386 -9.37 -22.02 6.62
N ALA B 387 -9.56 -21.99 7.94
CA ALA B 387 -10.87 -22.29 8.48
C ALA B 387 -11.83 -21.11 8.30
N ILE B 388 -11.36 -19.89 8.51
CA ILE B 388 -12.25 -18.73 8.47
C ILE B 388 -12.43 -18.16 7.06
N GLY B 389 -11.49 -18.42 6.15
CA GLY B 389 -11.51 -17.82 4.84
C GLY B 389 -12.69 -18.23 3.97
N PRO B 390 -12.71 -19.51 3.56
CA PRO B 390 -13.77 -19.95 2.62
C PRO B 390 -15.17 -19.87 3.18
N SER B 391 -15.34 -20.17 4.47
CA SER B 391 -16.67 -20.21 5.06
C SER B 391 -17.33 -18.83 5.07
N THR B 392 -16.57 -17.81 5.46
CA THR B 392 -17.09 -16.45 5.39
C THR B 392 -17.10 -15.93 3.95
N GLY B 393 -16.16 -16.37 3.12
CA GLY B 393 -16.09 -15.88 1.76
C GLY B 393 -17.28 -16.28 0.92
N GLY B 394 -17.73 -17.53 1.06
CA GLY B 394 -18.91 -17.96 0.33
C GLY B 394 -20.16 -17.21 0.74
N ALA B 395 -20.33 -16.98 2.05
CA ALA B 395 -21.44 -16.17 2.51
C ALA B 395 -21.35 -14.74 2.01
N ILE B 396 -20.14 -14.20 1.91
CA ILE B 396 -19.97 -12.85 1.41
C ILE B 396 -20.34 -12.78 -0.07
N VAL B 397 -19.90 -13.75 -0.87
CA VAL B 397 -20.22 -13.71 -2.29
C VAL B 397 -21.69 -14.01 -2.53
N LYS B 398 -22.35 -14.71 -1.62
CA LYS B 398 -23.79 -14.87 -1.72
C LYS B 398 -24.54 -13.60 -1.35
N ALA B 399 -24.13 -12.95 -0.26
CA ALA B 399 -24.82 -11.75 0.20
C ALA B 399 -24.55 -10.56 -0.73
N ILE B 400 -23.28 -10.33 -1.05
CA ILE B 400 -22.89 -9.21 -1.91
C ILE B 400 -22.10 -9.75 -3.09
N GLY B 401 -21.65 -8.86 -3.96
CA GLY B 401 -20.88 -9.28 -5.12
C GLY B 401 -19.53 -9.85 -4.74
N PHE B 402 -18.99 -10.66 -5.65
CA PHE B 402 -17.66 -11.22 -5.47
C PHE B 402 -16.55 -10.18 -5.32
N PRO B 403 -16.49 -9.11 -6.11
CA PRO B 403 -15.44 -8.09 -5.90
C PRO B 403 -15.47 -7.43 -4.54
N TRP B 404 -16.64 -7.35 -3.89
CA TRP B 404 -16.71 -6.75 -2.57
C TRP B 404 -15.96 -7.59 -1.53
N LEU B 405 -15.90 -8.91 -1.72
CA LEU B 405 -15.12 -9.75 -0.81
C LEU B 405 -13.64 -9.41 -0.89
N MET B 406 -13.12 -9.25 -2.11
CA MET B 406 -11.73 -8.84 -2.28
C MET B 406 -11.51 -7.43 -1.75
N VAL B 407 -12.51 -6.56 -1.90
CA VAL B 407 -12.40 -5.19 -1.37
C VAL B 407 -12.28 -5.22 0.15
N ILE B 408 -13.12 -6.03 0.82
CA ILE B 408 -13.08 -6.12 2.27
C ILE B 408 -11.77 -6.72 2.75
N THR B 409 -11.29 -7.78 2.07
CA THR B 409 -10.04 -8.40 2.51
C THR B 409 -8.85 -7.47 2.27
N GLY B 410 -8.85 -6.73 1.16
CA GLY B 410 -7.77 -5.77 0.94
C GLY B 410 -7.80 -4.63 1.94
N VAL B 411 -9.00 -4.16 2.29
CA VAL B 411 -9.12 -3.09 3.29
C VAL B 411 -8.63 -3.59 4.64
N ILE B 412 -8.98 -4.83 5.00
CA ILE B 412 -8.55 -5.41 6.27
C ILE B 412 -7.03 -5.52 6.32
N ASN B 413 -6.42 -5.99 5.22
CA ASN B 413 -4.97 -6.09 5.17
C ASN B 413 -4.31 -4.71 5.27
N ILE B 414 -4.87 -3.72 4.59
CA ILE B 414 -4.27 -2.38 4.59
C ILE B 414 -4.35 -1.75 5.98
N VAL B 415 -5.51 -1.86 6.63
CA VAL B 415 -5.63 -1.26 7.97
C VAL B 415 -4.82 -2.04 8.99
N TYR B 416 -4.64 -3.35 8.81
CA TYR B 416 -3.84 -4.11 9.76
C TYR B 416 -2.34 -3.94 9.52
N ALA B 417 -1.93 -3.49 8.33
CA ALA B 417 -0.50 -3.32 8.05
C ALA B 417 0.19 -2.33 8.98
N PRO B 418 -0.42 -1.21 9.39
CA PRO B 418 0.19 -0.35 10.40
C PRO B 418 0.58 -1.05 11.70
N LEU B 419 -0.16 -2.08 12.10
CA LEU B 419 0.03 -2.70 13.42
C LEU B 419 1.34 -3.47 13.54
N CYS B 420 2.06 -3.70 12.45
CA CYS B 420 3.36 -4.36 12.51
C CYS B 420 4.47 -3.45 13.03
N TYR B 421 4.18 -2.16 13.23
CA TYR B 421 5.16 -1.24 13.79
C TYR B 421 5.53 -1.63 15.23
N TYR B 422 4.60 -2.26 15.95
CA TYR B 422 4.84 -2.66 17.33
C TYR B 422 5.90 -3.73 17.48
N LEU B 423 6.20 -4.48 16.42
CA LEU B 423 7.08 -5.64 16.54
C LEU B 423 8.54 -5.24 16.72
N ARG B 424 8.95 -4.10 16.17
CA ARG B 424 10.35 -3.73 16.19
C ARG B 424 10.81 -3.40 17.61
N SER B 425 12.10 -3.67 17.89
CA SER B 425 12.80 -3.50 19.16
C SER B 425 11.98 -4.02 20.34
N PRO B 426 11.66 -5.31 20.38
CA PRO B 426 10.83 -5.81 21.47
C PRO B 426 11.61 -5.86 22.77
N PRO B 427 10.94 -5.74 23.92
CA PRO B 427 11.57 -5.77 25.24
C PRO B 427 11.61 -7.18 25.83
C4 YHR C . 3.00 -22.92 3.56
C3 YHR C . 1.66 -23.64 3.50
O2 YHR C . 1.66 -24.89 4.19
C1 YHR C . 2.76 -25.76 4.08
C10 YHR C . 0.27 -19.46 -2.27
C11 YHR C . -0.60 -20.56 -1.96
C12 YHR C . -0.91 -21.07 -0.77
C13 YHR C . -0.33 -20.55 0.54
C14 YHR C . -0.13 -21.62 1.58
C15 YHR C . 1.13 -22.44 1.29
C16 YHR C . 1.28 -23.82 2.03
C17 YHR C . 0.05 -24.72 1.93
C20 YHR C . -1.60 -25.61 0.53
C22 YHR C . -2.03 -22.26 -2.33
C23 YHR C . -1.29 -21.27 -3.00
C24 YHR C . -1.36 -21.20 -4.39
C25 YHR C . -2.17 -22.11 -5.06
C26 YHR C . -2.89 -23.07 -4.38
C27 YHR C . -2.82 -23.16 -3.01
C29 YHR C . -4.71 -23.42 -5.83
C31 YHR C . 4.84 -22.65 5.08
C33 YHR C . 5.44 -22.84 6.46
C34 YHR C . 6.81 -22.74 6.63
C35 YHR C . 7.35 -22.90 7.89
C36 YHR C . 6.55 -23.16 8.97
C37 YHR C . 5.17 -23.27 8.82
C38 YHR C . 4.61 -23.10 7.54
C40 YHR C . 3.23 -24.34 9.79
C42 YHR C . 7.37 -22.13 10.92
C44 YHR C . 9.21 -21.49 8.18
C5 YHR C . 2.77 -21.51 3.04
C6 YHR C . 2.34 -21.55 1.55
C7 YHR C . 2.08 -20.09 1.09
C9 YHR C . 0.79 -18.94 -0.95
N21 YHR C . -1.79 -22.14 -0.95
N8 YHR C . 1.00 -19.97 0.10
O18 YHR C . -0.69 -24.85 2.86
O19 YHR C . -0.25 -25.36 0.72
O28 YHR C . -3.69 -23.97 -5.07
O30 YHR C . 3.47 -22.89 4.88
O32 YHR C . 5.55 -22.29 4.19
O39 YHR C . 4.38 -23.53 9.95
O41 YHR C . 7.11 -23.33 10.24
O43 YHR C . 8.73 -22.80 8.06
H1 YHR C . 3.71 -23.40 2.90
H2 YHR C . 0.89 -23.03 3.97
H3 YHR C . 3.54 -25.46 4.78
H4 YHR C . 3.16 -25.75 3.08
H5 YHR C . 2.44 -26.77 4.33
H6 YHR C . -0.27 -18.68 -2.78
H7 YHR C . 1.10 -19.80 -2.88
H8 YHR C . -0.96 -19.76 0.95
H9 YHR C . -1.04 -22.20 1.59
H10 YHR C . -0.05 -21.16 2.55
H11 YHR C . 1.16 -22.70 0.24
H12 YHR C . 2.08 -24.36 1.53
H13 YHR C . -2.17 -24.71 0.75
H14 YHR C . -1.78 -25.90 -0.50
H15 YHR C . -1.92 -26.40 1.19
H16 YHR C . -0.80 -20.46 -4.93
H17 YHR C . -2.22 -22.05 -6.14
H18 YHR C . -3.39 -23.91 -2.48
H19 YHR C . -5.44 -24.19 -6.06
H20 YHR C . -5.18 -22.62 -5.29
H21 YHR C . -4.30 -23.05 -6.77
H22 YHR C . 7.45 -22.53 5.78
H23 YHR C . 3.54 -23.18 7.40
H24 YHR C . 3.44 -25.18 9.13
H25 YHR C . 2.94 -24.73 10.76
H26 YHR C . 2.43 -23.74 9.38
H27 YHR C . 8.39 -22.12 11.25
H28 YHR C . 7.18 -21.28 10.27
H29 YHR C . 6.70 -22.06 11.78
H30 YHR C . 8.36 -20.80 8.18
H31 YHR C . 9.86 -21.25 7.34
H32 YHR C . 9.75 -21.39 9.11
H33 YHR C . 2.03 -21.02 3.67
H34 YHR C . 3.69 -20.95 3.11
H35 YHR C . 3.17 -21.94 0.98
H36 YHR C . 3.00 -19.73 0.64
H37 YHR C . 1.84 -19.47 1.93
H38 YHR C . 0.09 -18.20 -0.58
H39 YHR C . 1.74 -18.44 -1.14
H40 YHR C . -2.19 -22.71 -0.22
#